data_2K1A
#
_entry.id   2K1A
#
_cell.length_a   1.000
_cell.length_b   1.000
_cell.length_c   1.000
_cell.angle_alpha   90.00
_cell.angle_beta   90.00
_cell.angle_gamma   90.00
#
_symmetry.space_group_name_H-M   'P 1'
#
_entity_poly.entity_id   1
_entity_poly.type   'polypeptide(L)'
_entity_poly.pdbx_seq_one_letter_code
;GALEERAIPIWWVLVGVLGGLLLLTILVLAMWKVGFFKRNRP
;
_entity_poly.pdbx_strand_id   A
#
# COMPACT_ATOMS: atom_id res chain seq x y z
N GLY A 1 19.39 -18.74 14.70
CA GLY A 1 20.59 -18.45 13.87
C GLY A 1 20.29 -18.80 12.42
N ALA A 2 19.44 -19.81 12.25
CA ALA A 2 19.03 -20.26 10.93
C ALA A 2 17.77 -21.10 11.07
N LEU A 3 17.83 -22.06 11.99
CA LEU A 3 16.67 -22.90 12.26
C LEU A 3 15.58 -22.00 12.77
N GLU A 4 16.00 -21.04 13.61
CA GLU A 4 15.07 -20.08 14.17
C GLU A 4 14.13 -19.60 13.09
N GLU A 5 12.90 -19.33 13.47
CA GLU A 5 11.93 -18.88 12.50
C GLU A 5 11.87 -17.35 12.46
N ARG A 6 12.92 -16.71 11.92
CA ARG A 6 12.83 -15.26 11.76
C ARG A 6 11.59 -15.10 10.92
N ALA A 7 11.41 -16.19 10.18
CA ALA A 7 10.35 -16.34 9.26
C ALA A 7 10.60 -15.45 8.10
N ILE A 8 11.57 -14.46 8.26
CA ILE A 8 11.87 -13.49 7.19
C ILE A 8 10.69 -13.58 6.27
N PRO A 9 9.55 -13.25 6.84
CA PRO A 9 8.29 -13.49 6.17
C PRO A 9 8.18 -12.68 4.91
N ILE A 10 9.03 -13.08 3.97
CA ILE A 10 9.08 -12.47 2.67
C ILE A 10 7.67 -12.32 2.17
N TRP A 11 6.82 -13.30 2.52
CA TRP A 11 5.43 -13.30 2.15
C TRP A 11 4.71 -12.14 2.83
N TRP A 12 4.93 -11.95 4.13
CA TRP A 12 4.30 -10.83 4.84
C TRP A 12 4.81 -9.51 4.29
N VAL A 13 6.08 -9.52 3.88
CA VAL A 13 6.69 -8.32 3.30
C VAL A 13 6.03 -8.05 1.97
N LEU A 14 5.92 -9.11 1.19
CA LEU A 14 5.27 -9.03 -0.10
C LEU A 14 3.82 -8.61 0.13
N VAL A 15 3.20 -9.20 1.15
CA VAL A 15 1.82 -8.87 1.46
C VAL A 15 1.70 -7.40 1.85
N GLY A 16 2.61 -6.94 2.71
CA GLY A 16 2.63 -5.57 3.18
C GLY A 16 2.74 -4.57 2.03
N VAL A 17 3.63 -4.92 1.10
CA VAL A 17 3.89 -4.07 -0.05
C VAL A 17 2.68 -4.03 -0.94
N LEU A 18 2.14 -5.21 -1.23
CA LEU A 18 0.96 -5.33 -2.05
C LEU A 18 -0.19 -4.60 -1.37
N GLY A 19 -0.29 -4.78 -0.06
CA GLY A 19 -1.36 -4.17 0.73
C GLY A 19 -1.17 -2.66 0.77
N GLY A 20 0.04 -2.23 1.07
CA GLY A 20 0.34 -0.81 1.11
C GLY A 20 0.05 -0.21 -0.26
N LEU A 21 0.40 -0.98 -1.29
CA LEU A 21 0.15 -0.54 -2.66
C LEU A 21 -1.35 -0.46 -2.91
N LEU A 22 -2.09 -1.47 -2.47
CA LEU A 22 -3.54 -1.47 -2.63
C LEU A 22 -4.14 -0.27 -1.88
N LEU A 23 -3.71 -0.06 -0.65
CA LEU A 23 -4.24 1.05 0.12
C LEU A 23 -3.90 2.37 -0.57
N LEU A 24 -2.67 2.50 -1.06
CA LEU A 24 -2.29 3.73 -1.73
C LEU A 24 -3.13 3.91 -2.99
N THR A 25 -3.32 2.81 -3.71
CA THR A 25 -4.09 2.84 -4.95
C THR A 25 -5.53 3.25 -4.68
N ILE A 26 -6.16 2.64 -3.67
CA ILE A 26 -7.55 2.97 -3.35
C ILE A 26 -7.66 4.41 -2.89
N LEU A 27 -6.75 4.82 -2.03
CA LEU A 27 -6.76 6.19 -1.54
C LEU A 27 -6.54 7.13 -2.71
N VAL A 28 -5.69 6.70 -3.62
CA VAL A 28 -5.35 7.49 -4.78
C VAL A 28 -6.54 7.60 -5.74
N LEU A 29 -7.11 6.46 -6.06
CA LEU A 29 -8.26 6.41 -6.94
C LEU A 29 -9.43 7.11 -6.27
N ALA A 30 -9.62 6.91 -4.98
CA ALA A 30 -10.73 7.52 -4.26
C ALA A 30 -10.59 9.03 -4.25
N MET A 31 -9.39 9.47 -3.97
CA MET A 31 -9.07 10.88 -3.92
C MET A 31 -9.27 11.50 -5.30
N TRP A 32 -9.08 10.66 -6.29
CA TRP A 32 -9.23 11.07 -7.67
C TRP A 32 -10.73 11.13 -7.99
N LYS A 33 -11.47 10.21 -7.39
CA LYS A 33 -12.92 10.14 -7.60
C LYS A 33 -13.60 11.34 -6.93
N VAL A 34 -13.11 11.68 -5.74
CA VAL A 34 -13.67 12.80 -5.01
C VAL A 34 -13.13 14.11 -5.56
N GLY A 35 -12.13 13.96 -6.44
CA GLY A 35 -11.50 15.09 -7.09
C GLY A 35 -10.38 15.69 -6.24
N PHE A 36 -10.04 15.10 -5.10
CA PHE A 36 -9.02 15.71 -4.25
C PHE A 36 -7.69 15.96 -4.98
N PHE A 37 -7.27 15.04 -5.87
CA PHE A 37 -6.02 15.26 -6.62
C PHE A 37 -6.24 16.31 -7.68
N LYS A 38 -7.54 16.53 -7.80
CA LYS A 38 -8.02 17.52 -8.71
C LYS A 38 -8.04 18.88 -8.05
N ARG A 39 -7.97 19.94 -8.81
CA ARG A 39 -7.94 21.28 -8.22
C ARG A 39 -9.17 22.07 -8.62
N ASN A 40 -9.18 22.61 -9.82
CA ASN A 40 -10.34 23.38 -10.27
C ASN A 40 -10.79 24.34 -9.18
N ARG A 41 -9.90 24.59 -8.21
CA ARG A 41 -10.20 25.51 -7.11
C ARG A 41 -10.60 26.87 -7.69
N PRO A 42 -11.31 27.67 -6.94
CA PRO A 42 -11.77 29.01 -7.42
C PRO A 42 -10.61 29.84 -7.98
N GLY A 1 24.91 -22.35 15.99
CA GLY A 1 23.99 -21.46 15.23
C GLY A 1 23.49 -22.20 13.98
N ALA A 2 22.99 -23.40 14.17
CA ALA A 2 22.49 -24.19 13.06
C ALA A 2 21.31 -23.49 12.38
N LEU A 3 20.43 -22.92 13.19
CA LEU A 3 19.26 -22.22 12.68
C LEU A 3 19.34 -20.74 13.01
N GLU A 4 19.23 -19.90 11.98
CA GLU A 4 19.30 -18.45 12.19
C GLU A 4 17.96 -17.90 12.65
N GLU A 5 18.02 -16.94 13.57
CA GLU A 5 16.82 -16.31 14.10
C GLU A 5 16.13 -15.50 13.01
N ARG A 6 14.81 -15.60 12.95
CA ARG A 6 14.02 -14.88 11.96
C ARG A 6 12.93 -14.06 12.63
N ALA A 7 12.60 -12.93 12.00
CA ALA A 7 11.56 -12.05 12.53
C ALA A 7 10.95 -11.23 11.41
N ILE A 8 11.43 -11.46 10.18
CA ILE A 8 10.92 -10.74 9.03
C ILE A 8 10.83 -11.65 7.81
N PRO A 9 9.84 -12.49 7.78
CA PRO A 9 9.61 -13.44 6.64
C PRO A 9 9.37 -12.69 5.32
N ILE A 10 9.81 -13.30 4.23
CA ILE A 10 9.67 -12.69 2.91
C ILE A 10 8.20 -12.52 2.53
N TRP A 11 7.38 -13.55 2.77
CA TRP A 11 5.97 -13.51 2.41
C TRP A 11 5.24 -12.34 3.08
N TRP A 12 5.60 -12.06 4.33
CA TRP A 12 4.99 -10.94 5.07
C TRP A 12 5.43 -9.61 4.47
N VAL A 13 6.68 -9.54 4.02
CA VAL A 13 7.17 -8.31 3.39
C VAL A 13 6.42 -8.07 2.09
N LEU A 14 6.28 -9.15 1.31
CA LEU A 14 5.58 -9.07 0.05
C LEU A 14 4.11 -8.71 0.28
N VAL A 15 3.50 -9.30 1.30
CA VAL A 15 2.11 -9.03 1.60
C VAL A 15 1.91 -7.57 1.99
N GLY A 16 2.80 -7.06 2.83
CA GLY A 16 2.72 -5.67 3.29
C GLY A 16 2.81 -4.69 2.14
N VAL A 17 3.71 -4.98 1.20
CA VAL A 17 3.93 -4.13 0.04
C VAL A 17 2.71 -4.11 -0.85
N LEU A 18 2.17 -5.30 -1.11
CA LEU A 18 1.00 -5.39 -1.94
C LEU A 18 -0.14 -4.66 -1.26
N GLY A 19 -0.23 -4.84 0.05
CA GLY A 19 -1.29 -4.20 0.83
C GLY A 19 -1.11 -2.69 0.82
N GLY A 20 0.12 -2.26 1.05
CA GLY A 20 0.41 -0.83 1.04
C GLY A 20 0.10 -0.26 -0.33
N LEU A 21 0.41 -1.05 -1.35
CA LEU A 21 0.13 -0.63 -2.72
C LEU A 21 -1.38 -0.52 -2.92
N LEU A 22 -2.12 -1.50 -2.39
CA LEU A 22 -3.57 -1.48 -2.53
C LEU A 22 -4.16 -0.27 -1.82
N LEU A 23 -3.71 -0.02 -0.59
CA LEU A 23 -4.23 1.13 0.15
C LEU A 23 -3.92 2.42 -0.59
N LEU A 24 -2.71 2.54 -1.11
CA LEU A 24 -2.32 3.75 -1.84
C LEU A 24 -3.17 3.90 -3.09
N THR A 25 -3.40 2.80 -3.78
CA THR A 25 -4.19 2.81 -5.00
C THR A 25 -5.61 3.26 -4.71
N ILE A 26 -6.21 2.70 -3.65
CA ILE A 26 -7.57 3.05 -3.29
C ILE A 26 -7.66 4.52 -2.89
N LEU A 27 -6.70 4.99 -2.10
CA LEU A 27 -6.68 6.39 -1.66
C LEU A 27 -6.50 7.33 -2.85
N VAL A 28 -5.62 6.96 -3.77
CA VAL A 28 -5.34 7.79 -4.95
C VAL A 28 -6.56 7.82 -5.85
N LEU A 29 -7.08 6.64 -6.14
CA LEU A 29 -8.25 6.52 -6.98
C LEU A 29 -9.43 7.22 -6.32
N ALA A 30 -9.61 7.02 -5.02
CA ALA A 30 -10.71 7.65 -4.30
C ALA A 30 -10.56 9.15 -4.40
N MET A 31 -9.34 9.59 -4.19
CA MET A 31 -9.01 10.99 -4.26
C MET A 31 -9.29 11.52 -5.65
N TRP A 32 -9.13 10.63 -6.61
CA TRP A 32 -9.37 10.95 -8.00
C TRP A 32 -10.87 11.00 -8.23
N LYS A 33 -11.58 10.11 -7.56
CA LYS A 33 -13.03 10.05 -7.69
C LYS A 33 -13.66 11.26 -7.04
N VAL A 34 -13.08 11.66 -5.90
CA VAL A 34 -13.61 12.79 -5.17
C VAL A 34 -13.08 14.10 -5.73
N GLY A 35 -12.12 14.00 -6.66
CA GLY A 35 -11.57 15.20 -7.28
C GLY A 35 -10.48 15.84 -6.44
N PHE A 36 -10.10 15.27 -5.31
CA PHE A 36 -9.10 15.90 -4.48
C PHE A 36 -7.82 16.25 -5.25
N PHE A 37 -7.79 15.90 -6.54
CA PHE A 37 -6.61 16.18 -7.35
C PHE A 37 -6.67 17.59 -7.96
N LYS A 38 -7.71 18.35 -7.61
CA LYS A 38 -7.81 19.72 -8.11
C LYS A 38 -6.57 20.49 -7.66
N ARG A 39 -6.19 20.30 -6.40
CA ARG A 39 -5.02 20.98 -5.85
C ARG A 39 -3.78 20.11 -6.02
N ASN A 40 -2.66 20.75 -6.36
CA ASN A 40 -1.41 20.03 -6.57
C ASN A 40 -0.49 20.13 -5.34
N ARG A 41 -1.00 20.71 -4.25
CA ARG A 41 -0.22 20.85 -3.03
C ARG A 41 -0.77 19.95 -1.93
N PRO A 42 0.02 19.66 -0.92
CA PRO A 42 -0.41 18.78 0.20
C PRO A 42 -1.65 19.33 0.91
N GLY A 1 9.40 -21.56 4.03
CA GLY A 1 10.69 -22.29 3.87
C GLY A 1 10.43 -23.79 3.96
N ALA A 2 11.50 -24.59 3.93
CA ALA A 2 11.36 -26.03 4.02
C ALA A 2 10.76 -26.42 5.35
N LEU A 3 11.15 -25.69 6.40
CA LEU A 3 10.66 -25.96 7.74
C LEU A 3 9.60 -24.93 8.13
N GLU A 4 8.48 -25.41 8.66
CA GLU A 4 7.40 -24.52 9.07
C GLU A 4 7.85 -23.66 10.24
N GLU A 5 8.70 -24.23 11.09
CA GLU A 5 9.21 -23.52 12.26
C GLU A 5 10.08 -22.34 11.84
N ARG A 6 10.83 -22.51 10.75
CA ARG A 6 11.69 -21.44 10.28
C ARG A 6 10.87 -20.22 9.89
N ALA A 7 11.35 -19.04 10.27
CA ALA A 7 10.65 -17.81 9.96
C ALA A 7 10.62 -17.54 8.46
N ILE A 8 9.53 -16.94 8.00
CA ILE A 8 9.37 -16.63 6.58
C ILE A 8 8.88 -15.19 6.42
N PRO A 9 9.69 -14.23 6.78
CA PRO A 9 9.32 -12.79 6.68
C PRO A 9 9.20 -12.30 5.24
N ILE A 10 9.66 -13.12 4.31
CA ILE A 10 9.61 -12.75 2.90
C ILE A 10 8.17 -12.61 2.41
N TRP A 11 7.31 -13.56 2.78
CA TRP A 11 5.91 -13.50 2.36
C TRP A 11 5.21 -12.32 3.02
N TRP A 12 5.58 -12.04 4.27
CA TRP A 12 4.99 -10.93 5.01
C TRP A 12 5.42 -9.60 4.42
N VAL A 13 6.66 -9.50 3.95
CA VAL A 13 7.13 -8.28 3.34
C VAL A 13 6.37 -8.04 2.04
N LEU A 14 6.20 -9.12 1.28
CA LEU A 14 5.48 -9.06 0.01
C LEU A 14 4.03 -8.66 0.27
N VAL A 15 3.43 -9.24 1.32
CA VAL A 15 2.05 -8.95 1.66
C VAL A 15 1.89 -7.47 2.02
N GLY A 16 2.80 -6.95 2.84
CA GLY A 16 2.76 -5.56 3.28
C GLY A 16 2.85 -4.60 2.10
N VAL A 17 3.73 -4.94 1.17
CA VAL A 17 3.97 -4.11 -0.02
C VAL A 17 2.73 -4.10 -0.89
N LEU A 18 2.15 -5.27 -1.11
CA LEU A 18 0.95 -5.36 -1.90
C LEU A 18 -0.17 -4.60 -1.21
N GLY A 19 -0.25 -4.76 0.11
CA GLY A 19 -1.28 -4.10 0.90
C GLY A 19 -1.10 -2.60 0.87
N GLY A 20 0.13 -2.15 1.09
CA GLY A 20 0.41 -0.73 1.07
C GLY A 20 0.05 -0.19 -0.31
N LEU A 21 0.31 -0.99 -1.33
CA LEU A 21 0.00 -0.58 -2.70
C LEU A 21 -1.52 -0.47 -2.86
N LEU A 22 -2.25 -1.45 -2.34
CA LEU A 22 -3.69 -1.41 -2.47
C LEU A 22 -4.24 -0.18 -1.76
N LEU A 23 -3.75 0.10 -0.57
CA LEU A 23 -4.21 1.28 0.16
C LEU A 23 -3.87 2.55 -0.62
N LEU A 24 -2.66 2.61 -1.16
CA LEU A 24 -2.23 3.78 -1.92
C LEU A 24 -3.08 3.95 -3.17
N THR A 25 -3.33 2.82 -3.84
CA THR A 25 -4.12 2.84 -5.06
C THR A 25 -5.54 3.29 -4.76
N ILE A 26 -6.14 2.72 -3.72
CA ILE A 26 -7.51 3.07 -3.36
C ILE A 26 -7.62 4.53 -2.94
N LEU A 27 -6.68 4.99 -2.12
CA LEU A 27 -6.70 6.38 -1.68
C LEU A 27 -6.49 7.33 -2.85
N VAL A 28 -5.60 6.98 -3.76
CA VAL A 28 -5.31 7.80 -4.93
C VAL A 28 -6.50 7.80 -5.86
N LEU A 29 -7.01 6.61 -6.14
CA LEU A 29 -8.17 6.48 -7.00
C LEU A 29 -9.37 7.16 -6.36
N ALA A 30 -9.54 6.95 -5.05
CA ALA A 30 -10.67 7.56 -4.35
C ALA A 30 -10.53 9.06 -4.42
N MET A 31 -9.32 9.52 -4.23
CA MET A 31 -9.01 10.92 -4.29
C MET A 31 -9.30 11.44 -5.68
N TRP A 32 -9.12 10.55 -6.63
CA TRP A 32 -9.36 10.86 -8.02
C TRP A 32 -10.85 10.94 -8.23
N LYS A 33 -11.57 10.04 -7.56
CA LYS A 33 -13.02 9.97 -7.67
C LYS A 33 -13.66 11.18 -7.02
N VAL A 34 -13.08 11.57 -5.88
CA VAL A 34 -13.60 12.70 -5.14
C VAL A 34 -13.06 14.00 -5.70
N GLY A 35 -12.10 13.89 -6.63
CA GLY A 35 -11.50 15.06 -7.26
C GLY A 35 -10.43 15.70 -6.40
N PHE A 36 -10.07 15.13 -5.27
CA PHE A 36 -9.09 15.78 -4.42
C PHE A 36 -7.80 16.15 -5.16
N PHE A 37 -7.72 15.84 -6.45
CA PHE A 37 -6.52 16.16 -7.23
C PHE A 37 -6.62 17.56 -7.83
N LYS A 38 -7.68 18.29 -7.51
CA LYS A 38 -7.83 19.65 -8.02
C LYS A 38 -6.54 20.42 -7.74
N ARG A 39 -6.18 21.31 -8.66
CA ARG A 39 -4.96 22.11 -8.50
C ARG A 39 -5.05 23.02 -7.29
N ASN A 40 -6.20 23.65 -7.08
CA ASN A 40 -6.39 24.54 -5.96
C ASN A 40 -6.95 23.80 -4.75
N ARG A 41 -6.09 23.55 -3.77
CA ARG A 41 -6.51 22.85 -2.55
C ARG A 41 -7.55 23.69 -1.80
N PRO A 42 -8.41 23.07 -1.04
CA PRO A 42 -9.44 23.79 -0.26
C PRO A 42 -8.93 25.12 0.30
N GLY A 1 13.94 -10.36 16.42
CA GLY A 1 12.56 -9.78 16.45
C GLY A 1 11.62 -10.76 17.14
N ALA A 2 10.42 -10.95 16.58
CA ALA A 2 9.46 -11.87 17.18
C ALA A 2 9.93 -13.30 17.01
N LEU A 3 9.70 -14.12 18.04
CA LEU A 3 10.11 -15.52 17.99
C LEU A 3 9.37 -16.23 16.87
N GLU A 4 8.09 -15.91 16.73
CA GLU A 4 7.27 -16.53 15.69
C GLU A 4 7.77 -16.13 14.30
N GLU A 5 8.22 -14.88 14.17
CA GLU A 5 8.75 -14.41 12.88
C GLU A 5 10.22 -14.05 13.03
N ARG A 6 10.94 -14.85 13.78
CA ARG A 6 12.36 -14.63 13.99
C ARG A 6 13.07 -14.65 12.65
N ALA A 7 12.68 -15.63 11.83
CA ALA A 7 13.27 -15.78 10.50
C ALA A 7 12.75 -14.68 9.59
N ILE A 8 11.70 -14.00 10.02
CA ILE A 8 11.11 -12.92 9.23
C ILE A 8 10.87 -13.37 7.79
N PRO A 9 9.84 -14.13 7.57
CA PRO A 9 9.49 -14.63 6.21
C PRO A 9 9.25 -13.49 5.23
N ILE A 10 9.62 -13.72 3.98
CA ILE A 10 9.44 -12.71 2.94
C ILE A 10 7.97 -12.52 2.60
N TRP A 11 7.16 -13.55 2.85
CA TRP A 11 5.74 -13.50 2.54
C TRP A 11 5.07 -12.30 3.19
N TRP A 12 5.49 -11.98 4.42
CA TRP A 12 4.94 -10.85 5.14
C TRP A 12 5.40 -9.54 4.51
N VAL A 13 6.65 -9.52 4.02
CA VAL A 13 7.16 -8.32 3.36
C VAL A 13 6.39 -8.12 2.07
N LEU A 14 6.23 -9.23 1.34
CA LEU A 14 5.50 -9.23 0.09
C LEU A 14 4.05 -8.84 0.35
N VAL A 15 3.46 -9.38 1.42
CA VAL A 15 2.08 -9.07 1.77
C VAL A 15 1.96 -7.58 2.09
N GLY A 16 2.90 -7.06 2.87
CA GLY A 16 2.90 -5.66 3.26
C GLY A 16 2.99 -4.72 2.07
N VAL A 17 3.85 -5.08 1.12
CA VAL A 17 4.07 -4.29 -0.08
C VAL A 17 2.82 -4.28 -0.93
N LEU A 18 2.23 -5.46 -1.11
CA LEU A 18 1.02 -5.57 -1.89
C LEU A 18 -0.07 -4.77 -1.21
N GLY A 19 -0.12 -4.90 0.11
CA GLY A 19 -1.11 -4.21 0.91
C GLY A 19 -0.91 -2.72 0.84
N GLY A 20 0.33 -2.28 1.02
CA GLY A 20 0.63 -0.86 0.94
C GLY A 20 0.23 -0.35 -0.44
N LEU A 21 0.47 -1.18 -1.45
CA LEU A 21 0.11 -0.78 -2.81
C LEU A 21 -1.40 -0.65 -2.93
N LEU A 22 -2.13 -1.59 -2.36
CA LEU A 22 -3.59 -1.53 -2.43
C LEU A 22 -4.11 -0.27 -1.75
N LEU A 23 -3.57 0.05 -0.58
CA LEU A 23 -4.03 1.24 0.13
C LEU A 23 -3.72 2.52 -0.66
N LEU A 24 -2.52 2.61 -1.22
CA LEU A 24 -2.14 3.79 -2.00
C LEU A 24 -3.02 3.93 -3.24
N THR A 25 -3.32 2.81 -3.87
CA THR A 25 -4.15 2.81 -5.08
C THR A 25 -5.56 3.29 -4.77
N ILE A 26 -6.15 2.74 -3.72
CA ILE A 26 -7.52 3.11 -3.34
C ILE A 26 -7.62 4.58 -2.95
N LEU A 27 -6.65 5.04 -2.17
CA LEU A 27 -6.63 6.44 -1.74
C LEU A 27 -6.43 7.39 -2.92
N VAL A 28 -5.55 7.02 -3.84
CA VAL A 28 -5.27 7.84 -5.02
C VAL A 28 -6.48 7.89 -5.93
N LEU A 29 -7.03 6.72 -6.20
CA LEU A 29 -8.21 6.59 -7.05
C LEU A 29 -9.40 7.27 -6.40
N ALA A 30 -9.56 7.08 -5.09
CA ALA A 30 -10.68 7.69 -4.37
C ALA A 30 -10.56 9.20 -4.42
N MET A 31 -9.36 9.67 -4.17
CA MET A 31 -9.07 11.09 -4.19
C MET A 31 -9.32 11.65 -5.58
N TRP A 32 -9.07 10.79 -6.56
CA TRP A 32 -9.29 11.14 -7.95
C TRP A 32 -10.78 11.14 -8.23
N LYS A 33 -11.48 10.19 -7.61
CA LYS A 33 -12.93 10.06 -7.79
C LYS A 33 -13.63 11.23 -7.14
N VAL A 34 -13.13 11.59 -5.97
CA VAL A 34 -13.73 12.69 -5.22
C VAL A 34 -13.22 14.03 -5.76
N GLY A 35 -12.24 13.98 -6.66
CA GLY A 35 -11.70 15.18 -7.27
C GLY A 35 -10.64 15.84 -6.40
N PHE A 36 -10.28 15.27 -5.25
CA PHE A 36 -9.31 15.91 -4.39
C PHE A 36 -8.03 16.28 -5.14
N PHE A 37 -7.96 15.94 -6.41
CA PHE A 37 -6.79 16.24 -7.22
C PHE A 37 -6.88 17.64 -7.82
N LYS A 38 -7.93 18.37 -7.50
CA LYS A 38 -8.05 19.73 -8.00
C LYS A 38 -6.79 20.49 -7.60
N ARG A 39 -6.22 21.21 -8.55
CA ARG A 39 -5.01 21.97 -8.30
C ARG A 39 -5.28 23.07 -7.28
N ASN A 40 -6.45 23.69 -7.38
CA ASN A 40 -6.82 24.78 -6.46
C ASN A 40 -7.62 24.24 -5.27
N ARG A 41 -7.01 24.28 -4.09
CA ARG A 41 -7.69 23.80 -2.89
C ARG A 41 -9.06 24.49 -2.75
N PRO A 42 -10.01 23.85 -2.11
CA PRO A 42 -11.37 24.42 -1.91
C PRO A 42 -11.36 25.70 -1.08
N GLY A 1 19.67 -28.47 13.94
CA GLY A 1 20.02 -27.44 14.96
C GLY A 1 21.33 -26.78 14.57
N ALA A 2 22.25 -27.57 14.03
CA ALA A 2 23.54 -27.05 13.60
C ALA A 2 23.38 -26.06 12.47
N LEU A 3 22.47 -26.38 11.55
CA LEU A 3 22.20 -25.52 10.40
C LEU A 3 20.86 -24.81 10.56
N GLU A 4 20.86 -23.50 10.33
CA GLU A 4 19.64 -22.71 10.44
C GLU A 4 18.54 -23.28 9.54
N GLU A 5 18.65 -23.02 8.25
CA GLU A 5 17.66 -23.48 7.28
C GLU A 5 16.25 -23.04 7.67
N ARG A 6 16.15 -21.81 8.18
CA ARG A 6 14.85 -21.29 8.58
C ARG A 6 14.34 -20.29 7.53
N ALA A 7 13.08 -20.40 7.16
CA ALA A 7 12.49 -19.52 6.16
C ALA A 7 12.40 -18.09 6.70
N ILE A 8 12.67 -17.12 5.85
CA ILE A 8 12.61 -15.72 6.25
C ILE A 8 11.17 -15.19 6.10
N PRO A 9 10.82 -14.16 6.84
CA PRO A 9 9.45 -13.59 6.76
C PRO A 9 9.26 -12.72 5.52
N ILE A 10 9.74 -13.21 4.38
CA ILE A 10 9.62 -12.46 3.14
C ILE A 10 8.17 -12.34 2.72
N TRP A 11 7.41 -13.41 2.89
CA TRP A 11 6.00 -13.41 2.50
C TRP A 11 5.27 -12.23 3.16
N TRP A 12 5.63 -11.95 4.41
CA TRP A 12 5.02 -10.84 5.14
C TRP A 12 5.46 -9.52 4.52
N VAL A 13 6.70 -9.46 4.06
CA VAL A 13 7.19 -8.25 3.42
C VAL A 13 6.44 -8.02 2.11
N LEU A 14 6.31 -9.11 1.35
CA LEU A 14 5.61 -9.08 0.08
C LEU A 14 4.15 -8.72 0.30
N VAL A 15 3.54 -9.30 1.33
CA VAL A 15 2.14 -9.02 1.63
C VAL A 15 1.96 -7.55 1.98
N GLY A 16 2.85 -7.04 2.81
CA GLY A 16 2.77 -5.65 3.24
C GLY A 16 2.87 -4.70 2.04
N VAL A 17 3.73 -5.06 1.10
CA VAL A 17 3.97 -4.27 -0.10
C VAL A 17 2.73 -4.27 -0.98
N LEU A 18 2.16 -5.45 -1.19
CA LEU A 18 0.96 -5.56 -2.00
C LEU A 18 -0.16 -4.80 -1.32
N GLY A 19 -0.24 -4.95 -0.01
CA GLY A 19 -1.29 -4.30 0.78
C GLY A 19 -1.12 -2.79 0.75
N GLY A 20 0.10 -2.33 0.97
CA GLY A 20 0.37 -0.91 0.94
C GLY A 20 0.02 -0.36 -0.43
N LEU A 21 0.30 -1.16 -1.46
CA LEU A 21 -0.02 -0.73 -2.81
C LEU A 21 -1.53 -0.63 -3.00
N LEU A 22 -2.26 -1.60 -2.47
CA LEU A 22 -3.73 -1.57 -2.60
C LEU A 22 -4.29 -0.34 -1.89
N LEU A 23 -3.81 -0.07 -0.69
CA LEU A 23 -4.30 1.08 0.05
C LEU A 23 -3.98 2.39 -0.68
N LEU A 24 -2.76 2.49 -1.21
CA LEU A 24 -2.36 3.69 -1.94
C LEU A 24 -3.19 3.86 -3.20
N THR A 25 -3.45 2.75 -3.86
CA THR A 25 -4.24 2.79 -5.09
C THR A 25 -5.65 3.26 -4.77
N ILE A 26 -6.24 2.72 -3.72
CA ILE A 26 -7.60 3.09 -3.33
C ILE A 26 -7.66 4.57 -2.94
N LEU A 27 -6.70 5.02 -2.15
CA LEU A 27 -6.67 6.42 -1.71
C LEU A 27 -6.49 7.36 -2.90
N VAL A 28 -5.59 7.01 -3.82
CA VAL A 28 -5.33 7.85 -4.99
C VAL A 28 -6.54 7.85 -5.90
N LEU A 29 -7.06 6.67 -6.16
CA LEU A 29 -8.23 6.54 -7.01
C LEU A 29 -9.41 7.22 -6.34
N ALA A 30 -9.57 7.02 -5.04
CA ALA A 30 -10.67 7.63 -4.30
C ALA A 30 -10.55 9.14 -4.35
N MET A 31 -9.34 9.60 -4.11
CA MET A 31 -9.02 11.01 -4.13
C MET A 31 -9.28 11.56 -5.51
N TRP A 32 -9.03 10.71 -6.50
CA TRP A 32 -9.25 11.09 -7.89
C TRP A 32 -10.74 11.12 -8.13
N LYS A 33 -11.45 10.22 -7.48
CA LYS A 33 -12.90 10.11 -7.64
C LYS A 33 -13.56 11.31 -6.98
N VAL A 34 -13.02 11.69 -5.82
CA VAL A 34 -13.58 12.81 -5.08
C VAL A 34 -13.06 14.12 -5.65
N GLY A 35 -12.10 14.02 -6.59
CA GLY A 35 -11.54 15.21 -7.23
C GLY A 35 -10.45 15.86 -6.39
N PHE A 36 -10.07 15.30 -5.26
CA PHE A 36 -9.09 15.94 -4.42
C PHE A 36 -7.79 16.27 -5.18
N PHE A 37 -7.73 15.91 -6.47
CA PHE A 37 -6.54 16.18 -7.26
C PHE A 37 -6.64 17.56 -7.90
N LYS A 38 -7.73 18.26 -7.60
CA LYS A 38 -7.96 19.60 -8.13
C LYS A 38 -8.01 19.57 -9.65
N ARG A 39 -9.06 20.18 -10.21
CA ARG A 39 -9.23 20.22 -11.66
C ARG A 39 -8.61 21.48 -12.23
N ASN A 40 -8.09 21.38 -13.45
CA ASN A 40 -7.47 22.53 -14.11
C ASN A 40 -6.40 23.14 -13.20
N ARG A 41 -5.61 22.28 -12.56
CA ARG A 41 -4.56 22.74 -11.67
C ARG A 41 -3.83 23.93 -12.26
N PRO A 42 -3.09 24.66 -11.45
CA PRO A 42 -2.32 25.85 -11.90
C PRO A 42 -1.11 25.46 -12.74
N GLY A 1 16.25 -21.03 1.43
CA GLY A 1 17.01 -22.17 0.86
C GLY A 1 17.64 -22.98 2.00
N ALA A 2 16.82 -23.35 2.98
CA ALA A 2 17.32 -24.11 4.12
C ALA A 2 16.30 -25.15 4.57
N LEU A 3 16.79 -26.29 5.07
CA LEU A 3 15.91 -27.34 5.54
C LEU A 3 15.09 -26.86 6.73
N GLU A 4 15.74 -26.13 7.64
CA GLU A 4 15.06 -25.60 8.81
C GLU A 4 15.21 -24.08 8.85
N GLU A 5 14.08 -23.37 8.85
CA GLU A 5 14.10 -21.91 8.87
C GLU A 5 13.43 -21.38 10.14
N ARG A 6 14.16 -20.53 10.86
CA ARG A 6 13.65 -19.95 12.11
C ARG A 6 12.44 -19.05 11.83
N ALA A 7 12.51 -18.27 10.75
CA ALA A 7 11.42 -17.35 10.41
C ALA A 7 11.37 -17.09 8.91
N ILE A 8 10.19 -16.74 8.42
CA ILE A 8 10.00 -16.46 6.99
C ILE A 8 9.29 -15.12 6.80
N PRO A 9 9.99 -14.04 7.00
CA PRO A 9 9.42 -12.68 6.85
C PRO A 9 9.35 -12.23 5.38
N ILE A 10 9.85 -13.07 4.48
CA ILE A 10 9.82 -12.74 3.06
C ILE A 10 8.39 -12.64 2.56
N TRP A 11 7.54 -13.56 2.99
CA TRP A 11 6.15 -13.53 2.57
C TRP A 11 5.40 -12.37 3.21
N TRP A 12 5.75 -12.05 4.44
CA TRP A 12 5.11 -10.94 5.14
C TRP A 12 5.52 -9.61 4.51
N VAL A 13 6.75 -9.51 4.03
CA VAL A 13 7.18 -8.27 3.38
C VAL A 13 6.38 -8.09 2.09
N LEU A 14 6.22 -9.19 1.35
CA LEU A 14 5.48 -9.15 0.09
C LEU A 14 4.03 -8.77 0.36
N VAL A 15 3.44 -9.34 1.42
CA VAL A 15 2.07 -9.04 1.77
C VAL A 15 1.92 -7.56 2.09
N GLY A 16 2.84 -7.05 2.90
CA GLY A 16 2.81 -5.65 3.31
C GLY A 16 2.88 -4.70 2.12
N VAL A 17 3.77 -5.04 1.19
CA VAL A 17 3.98 -4.22 0.00
C VAL A 17 2.75 -4.22 -0.87
N LEU A 18 2.20 -5.40 -1.09
CA LEU A 18 1.00 -5.53 -1.90
C LEU A 18 -0.12 -4.77 -1.23
N GLY A 19 -0.20 -4.89 0.09
CA GLY A 19 -1.24 -4.24 0.85
C GLY A 19 -1.07 -2.73 0.81
N GLY A 20 0.16 -2.28 1.01
CA GLY A 20 0.44 -0.85 0.97
C GLY A 20 0.10 -0.30 -0.40
N LEU A 21 0.39 -1.09 -1.43
CA LEU A 21 0.09 -0.64 -2.79
C LEU A 21 -1.43 -0.55 -2.99
N LEU A 22 -2.16 -1.54 -2.48
CA LEU A 22 -3.62 -1.51 -2.63
C LEU A 22 -4.21 -0.29 -1.93
N LEU A 23 -3.72 -0.01 -0.74
CA LEU A 23 -4.21 1.14 0.01
C LEU A 23 -3.92 2.44 -0.74
N LEU A 24 -2.70 2.57 -1.26
CA LEU A 24 -2.32 3.77 -2.00
C LEU A 24 -3.17 3.91 -3.26
N THR A 25 -3.41 2.79 -3.91
CA THR A 25 -4.21 2.77 -5.13
C THR A 25 -5.64 3.20 -4.84
N ILE A 26 -6.23 2.65 -3.78
CA ILE A 26 -7.61 2.99 -3.42
C ILE A 26 -7.72 4.46 -3.03
N LEU A 27 -6.78 4.93 -2.22
CA LEU A 27 -6.79 6.32 -1.78
C LEU A 27 -6.61 7.24 -2.98
N VAL A 28 -5.72 6.87 -3.90
CA VAL A 28 -5.44 7.68 -5.07
C VAL A 28 -6.66 7.73 -5.97
N LEU A 29 -7.24 6.56 -6.21
CA LEU A 29 -8.44 6.46 -7.04
C LEU A 29 -9.57 7.20 -6.37
N ALA A 30 -9.69 7.04 -5.07
CA ALA A 30 -10.76 7.69 -4.32
C ALA A 30 -10.63 9.19 -4.40
N MET A 31 -9.44 9.68 -4.18
CA MET A 31 -9.19 11.11 -4.24
C MET A 31 -9.45 11.62 -5.64
N TRP A 32 -9.17 10.76 -6.59
CA TRP A 32 -9.39 11.08 -8.00
C TRP A 32 -10.88 11.14 -8.22
N LYS A 33 -11.59 10.26 -7.54
CA LYS A 33 -13.02 10.19 -7.65
C LYS A 33 -13.67 11.40 -7.01
N VAL A 34 -13.09 11.82 -5.88
CA VAL A 34 -13.64 12.96 -5.17
C VAL A 34 -13.08 14.26 -5.73
N GLY A 35 -12.08 14.14 -6.61
CA GLY A 35 -11.46 15.30 -7.24
C GLY A 35 -10.42 15.96 -6.37
N PHE A 36 -10.06 15.40 -5.22
CA PHE A 36 -9.10 16.06 -4.36
C PHE A 36 -7.77 16.35 -5.05
N PHE A 37 -7.67 15.96 -6.31
CA PHE A 37 -6.45 16.20 -7.08
C PHE A 37 -6.55 17.54 -7.80
N LYS A 38 -7.60 18.28 -7.48
CA LYS A 38 -7.83 19.58 -8.10
C LYS A 38 -8.04 19.45 -9.60
N ARG A 39 -9.29 19.58 -10.03
CA ARG A 39 -9.63 19.48 -11.44
C ARG A 39 -8.99 20.61 -12.24
N ASN A 40 -9.01 21.81 -11.67
CA ASN A 40 -8.41 22.97 -12.33
C ASN A 40 -8.05 24.04 -11.31
N ARG A 41 -7.36 25.08 -11.77
CA ARG A 41 -6.95 26.16 -10.90
C ARG A 41 -7.84 27.39 -11.12
N PRO A 42 -7.87 28.30 -10.18
CA PRO A 42 -8.70 29.53 -10.29
C PRO A 42 -8.17 30.47 -11.37
N GLY A 1 6.23 -22.57 11.17
CA GLY A 1 4.86 -23.16 11.29
C GLY A 1 4.89 -24.62 10.85
N ALA A 2 4.63 -24.87 9.58
CA ALA A 2 4.65 -26.23 9.07
C ALA A 2 6.08 -26.77 9.03
N LEU A 3 6.24 -28.03 9.39
CA LEU A 3 7.56 -28.66 9.40
C LEU A 3 8.15 -28.67 7.99
N GLU A 4 7.32 -28.98 7.02
CA GLU A 4 7.76 -29.04 5.63
C GLU A 4 8.21 -27.66 5.13
N GLU A 5 7.45 -26.63 5.50
CA GLU A 5 7.76 -25.27 5.09
C GLU A 5 7.81 -24.35 6.30
N ARG A 6 8.99 -23.86 6.64
CA ARG A 6 9.15 -22.97 7.78
C ARG A 6 8.67 -21.56 7.42
N ALA A 7 8.02 -20.91 8.37
CA ALA A 7 7.52 -19.56 8.14
C ALA A 7 8.68 -18.59 7.98
N ILE A 8 8.56 -17.67 7.03
CA ILE A 8 9.62 -16.69 6.80
C ILE A 8 9.02 -15.29 6.61
N PRO A 9 9.77 -14.25 6.88
CA PRO A 9 9.29 -12.84 6.74
C PRO A 9 9.12 -12.41 5.29
N ILE A 10 9.62 -13.21 4.36
CA ILE A 10 9.53 -12.88 2.93
C ILE A 10 8.07 -12.73 2.50
N TRP A 11 7.24 -13.71 2.85
CA TRP A 11 5.83 -13.65 2.47
C TRP A 11 5.16 -12.46 3.12
N TRP A 12 5.55 -12.14 4.35
CA TRP A 12 5.00 -11.01 5.07
C TRP A 12 5.45 -9.70 4.43
N VAL A 13 6.68 -9.66 3.93
CA VAL A 13 7.17 -8.46 3.26
C VAL A 13 6.38 -8.25 1.99
N LEU A 14 6.18 -9.34 1.25
CA LEU A 14 5.42 -9.30 0.01
C LEU A 14 3.99 -8.87 0.28
N VAL A 15 3.42 -9.39 1.35
CA VAL A 15 2.04 -9.06 1.72
C VAL A 15 1.91 -7.58 2.06
N GLY A 16 2.84 -7.07 2.87
CA GLY A 16 2.79 -5.67 3.30
C GLY A 16 2.91 -4.67 2.15
N VAL A 17 3.82 -4.93 1.23
CA VAL A 17 4.06 -4.03 0.10
C VAL A 17 2.86 -4.02 -0.84
N LEU A 18 2.35 -5.21 -1.12
CA LEU A 18 1.18 -5.31 -1.99
C LEU A 18 0.02 -4.59 -1.32
N GLY A 19 -0.08 -4.76 -0.01
CA GLY A 19 -1.15 -4.14 0.75
C GLY A 19 -0.99 -2.63 0.76
N GLY A 20 0.21 -2.17 1.02
CA GLY A 20 0.46 -0.74 1.02
C GLY A 20 0.12 -0.19 -0.35
N LEU A 21 0.40 -0.97 -1.38
CA LEU A 21 0.08 -0.55 -2.75
C LEU A 21 -1.43 -0.44 -2.91
N LEU A 22 -2.15 -1.42 -2.40
CA LEU A 22 -3.61 -1.42 -2.51
C LEU A 22 -4.20 -0.20 -1.79
N LEU A 23 -3.72 0.07 -0.59
CA LEU A 23 -4.22 1.22 0.16
C LEU A 23 -3.90 2.53 -0.57
N LEU A 24 -2.68 2.65 -1.09
CA LEU A 24 -2.27 3.85 -1.81
C LEU A 24 -3.12 4.02 -3.07
N THR A 25 -3.36 2.90 -3.74
CA THR A 25 -4.15 2.92 -4.96
C THR A 25 -5.57 3.38 -4.66
N ILE A 26 -6.15 2.82 -3.61
CA ILE A 26 -7.52 3.19 -3.25
C ILE A 26 -7.61 4.66 -2.83
N LEU A 27 -6.64 5.11 -2.05
CA LEU A 27 -6.62 6.50 -1.60
C LEU A 27 -6.42 7.45 -2.78
N VAL A 28 -5.54 7.08 -3.70
CA VAL A 28 -5.25 7.91 -4.86
C VAL A 28 -6.43 7.93 -5.82
N LEU A 29 -6.92 6.74 -6.14
CA LEU A 29 -8.06 6.61 -7.03
C LEU A 29 -9.28 7.23 -6.39
N ALA A 30 -9.49 6.99 -5.10
CA ALA A 30 -10.65 7.56 -4.42
C ALA A 30 -10.56 9.06 -4.45
N MET A 31 -9.36 9.55 -4.19
CA MET A 31 -9.07 10.95 -4.20
C MET A 31 -9.32 11.51 -5.59
N TRP A 32 -9.11 10.62 -6.55
CA TRP A 32 -9.31 10.97 -7.95
C TRP A 32 -10.80 11.00 -8.20
N LYS A 33 -11.52 10.10 -7.55
CA LYS A 33 -12.96 10.02 -7.71
C LYS A 33 -13.63 11.22 -7.05
N VAL A 34 -13.09 11.59 -5.90
CA VAL A 34 -13.64 12.71 -5.16
C VAL A 34 -13.13 14.03 -5.74
N GLY A 35 -12.17 13.94 -6.67
CA GLY A 35 -11.62 15.12 -7.31
C GLY A 35 -10.54 15.79 -6.47
N PHE A 36 -10.17 15.22 -5.34
CA PHE A 36 -9.19 15.86 -4.48
C PHE A 36 -7.91 16.24 -5.23
N PHE A 37 -7.84 15.92 -6.51
CA PHE A 37 -6.65 16.24 -7.29
C PHE A 37 -6.79 17.62 -7.93
N LYS A 38 -7.95 18.22 -7.70
CA LYS A 38 -8.22 19.54 -8.27
C LYS A 38 -9.36 20.26 -7.57
N ARG A 39 -10.41 19.50 -7.22
CA ARG A 39 -11.55 20.08 -6.53
C ARG A 39 -11.19 20.41 -5.09
N ASN A 40 -11.58 21.59 -4.65
CA ASN A 40 -11.28 22.03 -3.27
C ASN A 40 -9.78 22.02 -3.01
N ARG A 41 -9.01 22.50 -4.00
CA ARG A 41 -7.56 22.55 -3.83
C ARG A 41 -7.20 23.23 -2.52
N PRO A 42 -6.03 22.98 -2.00
CA PRO A 42 -5.57 23.58 -0.71
C PRO A 42 -5.38 25.10 -0.84
N GLY A 1 15.66 -14.50 16.12
CA GLY A 1 16.28 -13.78 14.97
C GLY A 1 15.85 -14.44 13.66
N ALA A 2 15.54 -13.62 12.66
CA ALA A 2 15.12 -14.11 11.36
C ALA A 2 16.23 -14.93 10.70
N LEU A 3 17.47 -14.54 10.93
CA LEU A 3 18.62 -15.24 10.36
C LEU A 3 18.69 -16.66 10.91
N GLU A 4 18.42 -16.80 12.20
CA GLU A 4 18.45 -18.10 12.85
C GLU A 4 17.35 -19.00 12.31
N GLU A 5 16.20 -18.39 12.03
CA GLU A 5 15.07 -19.15 11.50
C GLU A 5 15.37 -19.66 10.10
N ARG A 6 14.98 -20.91 9.85
CA ARG A 6 15.20 -21.54 8.55
C ARG A 6 14.50 -20.74 7.46
N ALA A 7 13.27 -20.33 7.72
CA ALA A 7 12.50 -19.55 6.76
C ALA A 7 12.39 -18.11 7.23
N ILE A 8 12.67 -17.18 6.33
CA ILE A 8 12.60 -15.76 6.66
C ILE A 8 11.17 -15.26 6.44
N PRO A 9 10.77 -14.20 7.10
CA PRO A 9 9.41 -13.62 6.95
C PRO A 9 9.24 -12.83 5.65
N ILE A 10 9.67 -13.43 4.54
CA ILE A 10 9.57 -12.77 3.24
C ILE A 10 8.11 -12.59 2.83
N TRP A 11 7.30 -13.62 3.05
CA TRP A 11 5.89 -13.57 2.69
C TRP A 11 5.21 -12.36 3.33
N TRP A 12 5.61 -12.05 4.55
CA TRP A 12 5.04 -10.92 5.27
C TRP A 12 5.49 -9.62 4.62
N VAL A 13 6.72 -9.61 4.12
CA VAL A 13 7.24 -8.42 3.45
C VAL A 13 6.50 -8.18 2.13
N LEU A 14 6.37 -9.25 1.35
CA LEU A 14 5.67 -9.18 0.07
C LEU A 14 4.20 -8.83 0.29
N VAL A 15 3.59 -9.43 1.30
CA VAL A 15 2.19 -9.16 1.60
C VAL A 15 1.99 -7.70 1.96
N GLY A 16 2.88 -7.19 2.81
CA GLY A 16 2.79 -5.80 3.25
C GLY A 16 2.90 -4.82 2.09
N VAL A 17 3.80 -5.13 1.16
CA VAL A 17 4.05 -4.28 0.00
C VAL A 17 2.84 -4.27 -0.92
N LEU A 18 2.28 -5.43 -1.18
CA LEU A 18 1.10 -5.49 -2.01
C LEU A 18 -0.02 -4.72 -1.33
N GLY A 19 -0.10 -4.88 -0.02
CA GLY A 19 -1.13 -4.21 0.76
C GLY A 19 -0.92 -2.71 0.73
N GLY A 20 0.31 -2.28 0.92
CA GLY A 20 0.61 -0.86 0.86
C GLY A 20 0.24 -0.33 -0.51
N LEU A 21 0.45 -1.15 -1.53
CA LEU A 21 0.11 -0.75 -2.89
C LEU A 21 -1.40 -0.62 -3.04
N LEU A 22 -2.15 -1.58 -2.51
CA LEU A 22 -3.60 -1.54 -2.63
C LEU A 22 -4.17 -0.32 -1.92
N LEU A 23 -3.69 -0.05 -0.72
CA LEU A 23 -4.20 1.11 0.02
C LEU A 23 -3.88 2.42 -0.69
N LEU A 24 -2.66 2.58 -1.19
CA LEU A 24 -2.30 3.82 -1.88
C LEU A 24 -3.14 3.99 -3.15
N THR A 25 -3.40 2.88 -3.84
CA THR A 25 -4.18 2.92 -5.08
C THR A 25 -5.62 3.35 -4.79
N ILE A 26 -6.23 2.76 -3.76
CA ILE A 26 -7.61 3.11 -3.41
C ILE A 26 -7.71 4.57 -2.99
N LEU A 27 -6.75 5.03 -2.18
CA LEU A 27 -6.75 6.42 -1.73
C LEU A 27 -6.56 7.37 -2.91
N VAL A 28 -5.68 7.03 -3.83
CA VAL A 28 -5.42 7.88 -5.00
C VAL A 28 -6.64 7.88 -5.91
N LEU A 29 -7.15 6.69 -6.20
CA LEU A 29 -8.33 6.56 -7.04
C LEU A 29 -9.51 7.25 -6.37
N ALA A 30 -9.66 7.05 -5.07
CA ALA A 30 -10.76 7.66 -4.33
C ALA A 30 -10.62 9.17 -4.39
N MET A 31 -9.40 9.60 -4.19
CA MET A 31 -9.06 11.01 -4.23
C MET A 31 -9.34 11.54 -5.62
N TRP A 32 -9.15 10.68 -6.59
CA TRP A 32 -9.40 11.01 -7.97
C TRP A 32 -10.91 11.11 -8.17
N LYS A 33 -11.62 10.20 -7.51
CA LYS A 33 -13.08 10.16 -7.60
C LYS A 33 -13.69 11.38 -6.95
N VAL A 34 -13.09 11.78 -5.83
CA VAL A 34 -13.62 12.92 -5.09
C VAL A 34 -13.08 14.22 -5.66
N GLY A 35 -12.12 14.12 -6.58
CA GLY A 35 -11.55 15.31 -7.23
C GLY A 35 -10.47 15.96 -6.40
N PHE A 36 -10.10 15.40 -5.27
CA PHE A 36 -9.10 16.05 -4.44
C PHE A 36 -7.83 16.38 -5.22
N PHE A 37 -7.80 16.00 -6.49
CA PHE A 37 -6.65 16.27 -7.33
C PHE A 37 -6.76 17.68 -7.92
N LYS A 38 -7.86 18.36 -7.60
CA LYS A 38 -8.12 19.71 -8.07
C LYS A 38 -8.04 19.81 -9.59
N ARG A 39 -8.25 21.03 -10.09
CA ARG A 39 -8.21 21.29 -11.53
C ARG A 39 -6.77 21.46 -12.00
N ASN A 40 -6.49 21.03 -13.23
CA ASN A 40 -5.14 21.13 -13.76
C ASN A 40 -4.97 22.39 -14.60
N ARG A 41 -4.26 23.36 -14.04
CA ARG A 41 -4.01 24.62 -14.74
C ARG A 41 -3.14 24.37 -15.97
N PRO A 42 -3.15 25.28 -16.92
CA PRO A 42 -2.35 25.16 -18.17
C PRO A 42 -0.85 25.30 -17.94
N GLY A 1 22.84 -26.13 7.47
CA GLY A 1 22.95 -25.00 6.49
C GLY A 1 22.17 -23.79 6.99
N ALA A 2 20.86 -23.81 6.78
CA ALA A 2 20.00 -22.71 7.20
C ALA A 2 19.84 -22.67 8.73
N LEU A 3 19.69 -21.47 9.26
CA LEU A 3 19.52 -21.29 10.70
C LEU A 3 18.09 -20.84 11.01
N GLU A 4 17.52 -21.37 12.08
CA GLU A 4 16.16 -21.01 12.46
C GLU A 4 16.05 -19.53 12.80
N GLU A 5 17.09 -18.97 13.41
CA GLU A 5 17.08 -17.56 13.77
C GLU A 5 16.99 -16.68 12.52
N ARG A 6 17.70 -17.07 11.47
CA ARG A 6 17.67 -16.32 10.22
C ARG A 6 16.27 -16.30 9.64
N ALA A 7 15.60 -17.44 9.71
CA ALA A 7 14.24 -17.55 9.18
C ALA A 7 14.14 -16.87 7.83
N ILE A 8 12.92 -16.50 7.44
CA ILE A 8 12.71 -15.84 6.15
C ILE A 8 11.27 -15.36 6.01
N PRO A 9 10.92 -14.29 6.68
CA PRO A 9 9.55 -13.71 6.64
C PRO A 9 9.33 -12.86 5.38
N ILE A 10 9.72 -13.40 4.24
CA ILE A 10 9.57 -12.71 2.96
C ILE A 10 8.10 -12.52 2.61
N TRP A 11 7.28 -13.54 2.84
CA TRP A 11 5.85 -13.47 2.51
C TRP A 11 5.19 -12.27 3.18
N TRP A 12 5.61 -11.96 4.40
CA TRP A 12 5.06 -10.83 5.14
C TRP A 12 5.49 -9.51 4.51
N VAL A 13 6.73 -9.46 4.03
CA VAL A 13 7.22 -8.24 3.38
C VAL A 13 6.43 -8.02 2.10
N LEU A 14 6.27 -9.11 1.36
CA LEU A 14 5.54 -9.07 0.10
C LEU A 14 4.10 -8.67 0.37
N VAL A 15 3.50 -9.25 1.40
CA VAL A 15 2.13 -8.97 1.75
C VAL A 15 1.94 -7.50 2.10
N GLY A 16 2.85 -6.98 2.93
CA GLY A 16 2.78 -5.59 3.37
C GLY A 16 2.86 -4.64 2.18
N VAL A 17 3.73 -4.97 1.23
CA VAL A 17 3.96 -4.15 0.05
C VAL A 17 2.74 -4.13 -0.84
N LEU A 18 2.20 -5.31 -1.11
CA LEU A 18 1.01 -5.41 -1.93
C LEU A 18 -0.13 -4.69 -1.25
N GLY A 19 -0.23 -4.87 0.06
CA GLY A 19 -1.29 -4.24 0.82
C GLY A 19 -1.10 -2.73 0.77
N GLY A 20 0.13 -2.29 0.95
CA GLY A 20 0.43 -0.87 0.91
C GLY A 20 0.10 -0.31 -0.46
N LEU A 21 0.35 -1.12 -1.49
CA LEU A 21 0.05 -0.70 -2.87
C LEU A 21 -1.46 -0.60 -3.06
N LEU A 22 -2.19 -1.60 -2.58
CA LEU A 22 -3.64 -1.58 -2.72
C LEU A 22 -4.23 -0.38 -1.99
N LEU A 23 -3.75 -0.11 -0.78
CA LEU A 23 -4.25 1.02 -0.02
C LEU A 23 -3.95 2.33 -0.74
N LEU A 24 -2.74 2.45 -1.26
CA LEU A 24 -2.33 3.66 -1.98
C LEU A 24 -3.18 3.84 -3.23
N THR A 25 -3.42 2.73 -3.92
CA THR A 25 -4.21 2.74 -5.14
C THR A 25 -5.63 3.20 -4.83
N ILE A 26 -6.21 2.64 -3.78
CA ILE A 26 -7.57 3.00 -3.37
C ILE A 26 -7.65 4.47 -2.97
N LEU A 27 -6.68 4.91 -2.17
CA LEU A 27 -6.65 6.29 -1.70
C LEU A 27 -6.46 7.27 -2.86
N VAL A 28 -5.55 6.95 -3.77
CA VAL A 28 -5.27 7.81 -4.91
C VAL A 28 -6.47 7.87 -5.83
N LEU A 29 -7.00 6.70 -6.13
CA LEU A 29 -8.17 6.59 -6.98
C LEU A 29 -9.36 7.26 -6.32
N ALA A 30 -9.52 7.05 -5.02
CA ALA A 30 -10.63 7.66 -4.29
C ALA A 30 -10.51 9.16 -4.35
N MET A 31 -9.31 9.63 -4.12
CA MET A 31 -9.01 11.04 -4.15
C MET A 31 -9.27 11.58 -5.54
N TRP A 32 -9.08 10.71 -6.50
CA TRP A 32 -9.32 11.04 -7.89
C TRP A 32 -10.81 11.10 -8.13
N LYS A 33 -11.52 10.18 -7.49
CA LYS A 33 -12.96 10.08 -7.63
C LYS A 33 -13.62 11.28 -6.97
N VAL A 34 -13.06 11.66 -5.83
CA VAL A 34 -13.60 12.79 -5.08
C VAL A 34 -13.09 14.11 -5.65
N GLY A 35 -12.14 14.01 -6.58
CA GLY A 35 -11.58 15.19 -7.21
C GLY A 35 -10.50 15.85 -6.38
N PHE A 36 -10.12 15.28 -5.25
CA PHE A 36 -9.13 15.93 -4.42
C PHE A 36 -7.85 16.27 -5.19
N PHE A 37 -7.82 15.93 -6.48
CA PHE A 37 -6.64 16.22 -7.29
C PHE A 37 -6.73 17.59 -7.95
N LYS A 38 -7.77 18.36 -7.61
CA LYS A 38 -7.92 19.70 -8.16
C LYS A 38 -6.62 20.47 -7.92
N ARG A 39 -6.16 21.17 -8.95
CA ARG A 39 -4.94 21.95 -8.84
C ARG A 39 -5.23 23.44 -8.63
N ASN A 40 -6.51 23.80 -8.58
CA ASN A 40 -6.90 25.20 -8.38
C ASN A 40 -6.47 25.69 -7.00
N ARG A 41 -6.62 24.83 -6.00
CA ARG A 41 -6.25 25.19 -4.63
C ARG A 41 -4.90 25.90 -4.58
N PRO A 42 -4.68 26.71 -3.57
CA PRO A 42 -3.39 27.45 -3.40
C PRO A 42 -2.23 26.52 -3.11
N GLY A 1 28.17 -9.47 11.52
CA GLY A 1 27.73 -8.07 11.33
C GLY A 1 26.26 -8.03 10.94
N ALA A 2 25.95 -7.33 9.86
CA ALA A 2 24.57 -7.23 9.38
C ALA A 2 24.07 -8.60 8.92
N LEU A 3 22.76 -8.81 9.03
CA LEU A 3 22.17 -10.07 8.62
C LEU A 3 21.50 -9.96 7.26
N GLU A 4 21.88 -10.86 6.36
CA GLU A 4 21.32 -10.88 5.02
C GLU A 4 19.88 -11.39 5.08
N GLU A 5 19.64 -12.36 5.95
CA GLU A 5 18.30 -12.94 6.11
C GLU A 5 17.38 -11.94 6.79
N ARG A 6 16.14 -11.87 6.32
CA ARG A 6 15.17 -10.95 6.90
C ARG A 6 14.73 -11.43 8.27
N ALA A 7 14.39 -10.48 9.14
CA ALA A 7 13.95 -10.82 10.49
C ALA A 7 12.64 -11.60 10.46
N ILE A 8 11.73 -11.20 9.57
CA ILE A 8 10.44 -11.85 9.44
C ILE A 8 10.33 -12.54 8.07
N PRO A 9 9.33 -13.36 7.84
CA PRO A 9 9.18 -14.04 6.52
C PRO A 9 9.04 -13.06 5.36
N ILE A 10 9.60 -13.44 4.21
CA ILE A 10 9.55 -12.59 3.03
C ILE A 10 8.12 -12.43 2.54
N TRP A 11 7.37 -13.53 2.58
CA TRP A 11 6.00 -13.53 2.11
C TRP A 11 5.19 -12.43 2.80
N TRP A 12 5.44 -12.23 4.08
CA TRP A 12 4.75 -11.18 4.83
C TRP A 12 5.19 -9.81 4.37
N VAL A 13 6.47 -9.68 4.00
CA VAL A 13 6.98 -8.42 3.50
C VAL A 13 6.32 -8.11 2.16
N LEU A 14 6.26 -9.15 1.32
CA LEU A 14 5.63 -9.02 0.01
C LEU A 14 4.16 -8.69 0.19
N VAL A 15 3.51 -9.35 1.14
CA VAL A 15 2.10 -9.11 1.41
C VAL A 15 1.89 -7.66 1.84
N GLY A 16 2.76 -7.19 2.73
CA GLY A 16 2.67 -5.82 3.23
C GLY A 16 2.80 -4.80 2.10
N VAL A 17 3.71 -5.09 1.19
CA VAL A 17 3.97 -4.21 0.06
C VAL A 17 2.75 -4.17 -0.84
N LEU A 18 2.18 -5.34 -1.12
CA LEU A 18 1.00 -5.42 -1.96
C LEU A 18 -0.13 -4.66 -1.28
N GLY A 19 -0.24 -4.85 0.03
CA GLY A 19 -1.29 -4.20 0.81
C GLY A 19 -1.07 -2.71 0.83
N GLY A 20 0.16 -2.29 1.06
CA GLY A 20 0.47 -0.87 1.08
C GLY A 20 0.17 -0.28 -0.28
N LEU A 21 0.45 -1.06 -1.32
CA LEU A 21 0.19 -0.61 -2.69
C LEU A 21 -1.32 -0.48 -2.90
N LEU A 22 -2.06 -1.48 -2.43
CA LEU A 22 -3.51 -1.44 -2.60
C LEU A 22 -4.12 -0.24 -1.87
N LEU A 23 -3.69 -0.04 -0.63
CA LEU A 23 -4.21 1.09 0.15
C LEU A 23 -3.87 2.42 -0.51
N LEU A 24 -2.63 2.56 -0.96
CA LEU A 24 -2.21 3.80 -1.59
C LEU A 24 -3.00 4.01 -2.87
N THR A 25 -3.20 2.94 -3.61
CA THR A 25 -3.95 3.02 -4.87
C THR A 25 -5.38 3.44 -4.60
N ILE A 26 -6.02 2.81 -3.63
CA ILE A 26 -7.42 3.12 -3.32
C ILE A 26 -7.57 4.55 -2.83
N LEU A 27 -6.69 4.99 -1.95
CA LEU A 27 -6.76 6.36 -1.44
C LEU A 27 -6.52 7.37 -2.55
N VAL A 28 -5.56 7.09 -3.43
CA VAL A 28 -5.24 7.98 -4.53
C VAL A 28 -6.37 8.04 -5.55
N LEU A 29 -6.86 6.87 -5.93
CA LEU A 29 -7.96 6.78 -6.88
C LEU A 29 -9.19 7.42 -6.27
N ALA A 30 -9.43 7.16 -5.00
CA ALA A 30 -10.61 7.72 -4.33
C ALA A 30 -10.50 9.23 -4.29
N MET A 31 -9.34 9.71 -3.95
CA MET A 31 -9.07 11.13 -3.86
C MET A 31 -9.21 11.76 -5.23
N TRP A 32 -8.89 10.98 -6.23
CA TRP A 32 -8.99 11.42 -7.60
C TRP A 32 -10.46 11.43 -8.00
N LYS A 33 -11.20 10.47 -7.48
CA LYS A 33 -12.62 10.35 -7.78
C LYS A 33 -13.39 11.48 -7.12
N VAL A 34 -12.96 11.82 -5.90
CA VAL A 34 -13.62 12.88 -5.17
C VAL A 34 -13.14 14.23 -5.70
N GLY A 35 -12.25 14.19 -6.69
CA GLY A 35 -11.75 15.42 -7.31
C GLY A 35 -10.69 16.08 -6.48
N PHE A 36 -10.31 15.51 -5.36
CA PHE A 36 -9.34 16.17 -4.52
C PHE A 36 -8.13 16.63 -5.34
N PHE A 37 -7.69 15.78 -6.26
CA PHE A 37 -6.54 16.11 -7.11
C PHE A 37 -6.96 16.99 -8.28
N LYS A 38 -8.27 17.18 -8.38
CA LYS A 38 -8.82 18.05 -9.41
C LYS A 38 -9.06 19.41 -8.80
N ARG A 39 -8.88 20.45 -9.60
CA ARG A 39 -9.07 21.81 -9.14
C ARG A 39 -10.54 22.06 -8.81
N ASN A 40 -11.42 21.52 -9.64
CA ASN A 40 -12.86 21.69 -9.45
C ASN A 40 -13.45 20.51 -8.69
N ARG A 41 -13.80 20.74 -7.43
CA ARG A 41 -14.40 19.70 -6.60
C ARG A 41 -15.81 19.39 -7.08
N PRO A 42 -16.35 18.25 -6.74
CA PRO A 42 -17.72 17.86 -7.15
C PRO A 42 -18.78 18.83 -6.62
N GLY A 1 14.66 -25.61 17.84
CA GLY A 1 15.31 -24.38 17.30
C GLY A 1 15.59 -24.57 15.81
N ALA A 2 14.79 -25.42 15.17
CA ALA A 2 14.95 -25.68 13.75
C ALA A 2 14.69 -24.41 12.95
N LEU A 3 13.70 -23.64 13.41
CA LEU A 3 13.34 -22.39 12.76
C LEU A 3 13.63 -21.22 13.69
N GLU A 4 14.42 -20.27 13.20
CA GLU A 4 14.76 -19.11 14.01
C GLU A 4 13.56 -18.19 14.15
N GLU A 5 13.41 -17.62 15.34
CA GLU A 5 12.29 -16.71 15.62
C GLU A 5 12.44 -15.41 14.85
N ARG A 6 13.67 -15.04 14.54
CA ARG A 6 13.93 -13.81 13.80
C ARG A 6 13.99 -14.09 12.30
N ALA A 7 13.48 -15.25 11.91
CA ALA A 7 13.50 -15.64 10.51
C ALA A 7 12.75 -14.63 9.64
N ILE A 8 11.61 -14.15 10.13
CA ILE A 8 10.84 -13.17 9.38
C ILE A 8 10.69 -13.57 7.92
N PRO A 9 9.72 -14.40 7.60
CA PRO A 9 9.49 -14.84 6.19
C PRO A 9 9.23 -13.66 5.25
N ILE A 10 9.67 -13.79 4.00
CA ILE A 10 9.49 -12.73 3.02
C ILE A 10 8.01 -12.54 2.66
N TRP A 11 7.22 -13.58 2.86
CA TRP A 11 5.80 -13.52 2.54
C TRP A 11 5.14 -12.32 3.19
N TRP A 12 5.56 -12.00 4.41
CA TRP A 12 5.00 -10.86 5.12
C TRP A 12 5.46 -9.56 4.47
N VAL A 13 6.70 -9.54 3.99
CA VAL A 13 7.23 -8.35 3.32
C VAL A 13 6.46 -8.13 2.01
N LEU A 14 6.27 -9.22 1.25
CA LEU A 14 5.53 -9.15 -0.01
C LEU A 14 4.09 -8.75 0.26
N VAL A 15 3.48 -9.33 1.30
CA VAL A 15 2.11 -9.02 1.63
C VAL A 15 1.95 -7.55 2.00
N GLY A 16 2.87 -7.04 2.82
CA GLY A 16 2.82 -5.65 3.26
C GLY A 16 2.90 -4.67 2.10
N VAL A 17 3.77 -5.00 1.15
CA VAL A 17 4.00 -4.16 -0.02
C VAL A 17 2.75 -4.14 -0.89
N LEU A 18 2.19 -5.32 -1.13
CA LEU A 18 0.98 -5.41 -1.94
C LEU A 18 -0.12 -4.65 -1.25
N GLY A 19 -0.20 -4.81 0.07
CA GLY A 19 -1.22 -4.15 0.86
C GLY A 19 -1.02 -2.65 0.84
N GLY A 20 0.21 -2.22 1.02
CA GLY A 20 0.52 -0.80 1.00
C GLY A 20 0.16 -0.24 -0.36
N LEU A 21 0.41 -1.05 -1.40
CA LEU A 21 0.09 -0.62 -2.76
C LEU A 21 -1.41 -0.50 -2.93
N LEU A 22 -2.14 -1.49 -2.41
CA LEU A 22 -3.60 -1.49 -2.51
C LEU A 22 -4.17 -0.27 -1.80
N LEU A 23 -3.67 0.01 -0.61
CA LEU A 23 -4.18 1.16 0.12
C LEU A 23 -3.88 2.45 -0.64
N LEU A 24 -2.68 2.56 -1.18
CA LEU A 24 -2.29 3.76 -1.93
C LEU A 24 -3.15 3.92 -3.19
N THR A 25 -3.38 2.81 -3.86
CA THR A 25 -4.18 2.81 -5.09
C THR A 25 -5.60 3.27 -4.79
N ILE A 26 -6.18 2.69 -3.74
CA ILE A 26 -7.55 3.03 -3.36
C ILE A 26 -7.65 4.50 -2.93
N LEU A 27 -6.69 4.94 -2.13
CA LEU A 27 -6.68 6.33 -1.66
C LEU A 27 -6.50 7.30 -2.82
N VAL A 28 -5.60 6.98 -3.73
CA VAL A 28 -5.34 7.86 -4.89
C VAL A 28 -6.54 7.88 -5.83
N LEU A 29 -7.01 6.69 -6.15
CA LEU A 29 -8.17 6.58 -7.05
C LEU A 29 -9.36 7.24 -6.39
N ALA A 30 -9.53 7.01 -5.10
CA ALA A 30 -10.64 7.60 -4.38
C ALA A 30 -10.51 9.11 -4.42
N MET A 31 -9.30 9.58 -4.21
CA MET A 31 -8.99 10.98 -4.25
C MET A 31 -9.28 11.51 -5.64
N TRP A 32 -9.11 10.62 -6.60
CA TRP A 32 -9.37 10.93 -7.99
C TRP A 32 -10.87 11.01 -8.21
N LYS A 33 -11.59 10.12 -7.55
CA LYS A 33 -13.03 10.06 -7.67
C LYS A 33 -13.66 11.27 -7.02
N VAL A 34 -13.07 11.67 -5.90
CA VAL A 34 -13.61 12.80 -5.16
C VAL A 34 -13.07 14.12 -5.72
N GLY A 35 -12.11 14.01 -6.66
CA GLY A 35 -11.51 15.18 -7.28
C GLY A 35 -10.46 15.83 -6.40
N PHE A 36 -10.10 15.23 -5.27
CA PHE A 36 -9.15 15.86 -4.38
C PHE A 36 -7.85 16.27 -5.10
N PHE A 37 -7.74 15.98 -6.38
CA PHE A 37 -6.53 16.33 -7.14
C PHE A 37 -6.70 17.69 -7.80
N LYS A 38 -7.86 18.30 -7.58
CA LYS A 38 -8.15 19.60 -8.19
C LYS A 38 -9.23 20.38 -7.45
N ARG A 39 -9.03 21.68 -7.34
CA ARG A 39 -10.00 22.53 -6.64
C ARG A 39 -11.17 22.87 -7.56
N ASN A 40 -12.35 23.04 -6.95
CA ASN A 40 -13.54 23.37 -7.71
C ASN A 40 -13.83 24.86 -7.58
N ARG A 41 -14.28 25.48 -8.68
CA ARG A 41 -14.57 26.91 -8.69
C ARG A 41 -16.06 27.14 -9.00
N PRO A 42 -16.59 28.29 -8.64
CA PRO A 42 -18.02 28.62 -8.90
C PRO A 42 -18.51 28.07 -10.24
N GLY A 1 24.33 -24.55 11.93
CA GLY A 1 23.45 -23.61 11.18
C GLY A 1 23.22 -22.35 12.00
N ALA A 2 22.58 -21.35 11.41
CA ALA A 2 22.32 -20.09 12.09
C ALA A 2 21.30 -20.30 13.21
N LEU A 3 21.62 -19.76 14.39
CA LEU A 3 20.74 -19.88 15.56
C LEU A 3 19.39 -19.24 15.29
N GLU A 4 19.42 -18.07 14.65
CA GLU A 4 18.19 -17.36 14.34
C GLU A 4 17.28 -18.24 13.51
N GLU A 5 15.98 -18.18 13.79
CA GLU A 5 15.02 -18.99 13.06
C GLU A 5 14.83 -18.45 11.64
N ARG A 6 14.70 -19.34 10.68
CA ARG A 6 14.53 -18.94 9.29
C ARG A 6 13.16 -18.29 9.08
N ALA A 7 12.14 -18.86 9.72
CA ALA A 7 10.79 -18.34 9.60
C ALA A 7 10.47 -17.97 8.15
N ILE A 8 9.39 -17.22 7.95
CA ILE A 8 8.97 -16.82 6.62
C ILE A 8 8.70 -15.31 6.54
N PRO A 9 9.70 -14.51 6.83
CA PRO A 9 9.56 -13.02 6.79
C PRO A 9 9.36 -12.49 5.36
N ILE A 10 9.74 -13.30 4.38
CA ILE A 10 9.62 -12.88 2.98
C ILE A 10 8.15 -12.69 2.58
N TRP A 11 7.30 -13.66 2.93
CA TRP A 11 5.88 -13.57 2.58
C TRP A 11 5.22 -12.36 3.23
N TRP A 12 5.63 -12.03 4.45
CA TRP A 12 5.07 -10.89 5.16
C TRP A 12 5.54 -9.58 4.53
N VAL A 13 6.77 -9.55 4.04
CA VAL A 13 7.29 -8.36 3.39
C VAL A 13 6.52 -8.14 2.10
N LEU A 14 6.34 -9.22 1.35
CA LEU A 14 5.61 -9.17 0.09
C LEU A 14 4.16 -8.78 0.34
N VAL A 15 3.55 -9.36 1.37
CA VAL A 15 2.16 -9.07 1.68
C VAL A 15 1.97 -7.60 2.05
N GLY A 16 2.87 -7.09 2.89
CA GLY A 16 2.79 -5.70 3.33
C GLY A 16 2.89 -4.72 2.17
N VAL A 17 3.79 -5.04 1.23
CA VAL A 17 4.02 -4.20 0.06
C VAL A 17 2.81 -4.17 -0.85
N LEU A 18 2.27 -5.36 -1.13
CA LEU A 18 1.10 -5.46 -1.98
C LEU A 18 -0.07 -4.75 -1.30
N GLY A 19 -0.18 -4.93 -0.01
CA GLY A 19 -1.25 -4.31 0.76
C GLY A 19 -1.09 -2.80 0.75
N GLY A 20 0.14 -2.35 0.99
CA GLY A 20 0.41 -0.93 0.98
C GLY A 20 0.10 -0.37 -0.40
N LEU A 21 0.39 -1.15 -1.43
CA LEU A 21 0.12 -0.72 -2.80
C LEU A 21 -1.39 -0.60 -3.00
N LEU A 22 -2.14 -1.57 -2.48
CA LEU A 22 -3.59 -1.55 -2.61
C LEU A 22 -4.15 -0.31 -1.91
N LEU A 23 -3.66 -0.03 -0.71
CA LEU A 23 -4.14 1.14 0.05
C LEU A 23 -3.83 2.44 -0.70
N LEU A 24 -2.61 2.58 -1.21
CA LEU A 24 -2.25 3.81 -1.93
C LEU A 24 -3.12 3.97 -3.17
N THR A 25 -3.38 2.86 -3.85
CA THR A 25 -4.20 2.88 -5.05
C THR A 25 -5.61 3.35 -4.74
N ILE A 26 -6.20 2.79 -3.68
CA ILE A 26 -7.57 3.15 -3.31
C ILE A 26 -7.68 4.62 -2.89
N LEU A 27 -6.74 5.08 -2.08
CA LEU A 27 -6.76 6.48 -1.63
C LEU A 27 -6.56 7.43 -2.80
N VAL A 28 -5.66 7.06 -3.71
CA VAL A 28 -5.35 7.88 -4.87
C VAL A 28 -6.55 7.90 -5.83
N LEU A 29 -7.08 6.72 -6.13
CA LEU A 29 -8.23 6.61 -7.00
C LEU A 29 -9.44 7.28 -6.35
N ALA A 30 -9.61 7.07 -5.05
CA ALA A 30 -10.73 7.66 -4.34
C ALA A 30 -10.62 9.17 -4.39
N MET A 31 -9.40 9.63 -4.17
CA MET A 31 -9.09 11.03 -4.20
C MET A 31 -9.35 11.57 -5.59
N TRP A 32 -9.14 10.68 -6.55
CA TRP A 32 -9.35 11.02 -7.95
C TRP A 32 -10.84 11.08 -8.20
N LYS A 33 -11.58 10.17 -7.56
CA LYS A 33 -13.02 10.10 -7.70
C LYS A 33 -13.67 11.32 -7.05
N VAL A 34 -13.13 11.70 -5.91
CA VAL A 34 -13.67 12.83 -5.18
C VAL A 34 -13.15 14.14 -5.74
N GLY A 35 -12.18 14.04 -6.67
CA GLY A 35 -11.62 15.24 -7.29
C GLY A 35 -10.55 15.89 -6.44
N PHE A 36 -10.18 15.32 -5.31
CA PHE A 36 -9.20 15.96 -4.46
C PHE A 36 -7.91 16.32 -5.24
N PHE A 37 -7.88 15.97 -6.52
CA PHE A 37 -6.71 16.23 -7.35
C PHE A 37 -6.77 17.63 -7.97
N LYS A 38 -7.80 18.39 -7.65
CA LYS A 38 -7.91 19.76 -8.16
C LYS A 38 -6.64 20.51 -7.79
N ARG A 39 -6.10 21.26 -8.75
CA ARG A 39 -4.88 22.03 -8.50
C ARG A 39 -5.21 23.50 -8.31
N ASN A 40 -4.60 24.11 -7.30
CA ASN A 40 -4.82 25.53 -7.02
C ASN A 40 -6.31 25.82 -6.79
N ARG A 41 -6.94 24.99 -5.95
CA ARG A 41 -8.37 25.18 -5.64
C ARG A 41 -8.65 26.63 -5.25
N PRO A 42 -9.86 27.10 -5.46
CA PRO A 42 -10.25 28.51 -5.12
C PRO A 42 -10.24 28.76 -3.61
N GLY A 1 15.93 -17.94 16.32
CA GLY A 1 16.45 -18.40 15.00
C GLY A 1 16.12 -19.87 14.80
N ALA A 2 17.02 -20.74 15.25
CA ALA A 2 16.83 -22.18 15.11
C ALA A 2 15.61 -22.63 15.91
N LEU A 3 15.41 -22.03 17.07
CA LEU A 3 14.30 -22.39 17.93
C LEU A 3 12.97 -22.11 17.22
N GLU A 4 12.88 -20.95 16.56
CA GLU A 4 11.67 -20.59 15.84
C GLU A 4 11.50 -21.49 14.61
N GLU A 5 10.29 -22.01 14.43
CA GLU A 5 10.00 -22.88 13.30
C GLU A 5 10.03 -22.11 11.98
N ARG A 6 9.49 -20.89 12.00
CA ARG A 6 9.45 -20.06 10.80
C ARG A 6 10.84 -19.48 10.52
N ALA A 7 11.19 -19.38 9.23
CA ALA A 7 12.49 -18.83 8.85
C ALA A 7 12.42 -18.09 7.52
N ILE A 8 11.20 -17.80 7.07
CA ILE A 8 11.02 -17.09 5.81
C ILE A 8 9.98 -15.97 5.97
N PRO A 9 10.38 -14.83 6.46
CA PRO A 9 9.47 -13.68 6.68
C PRO A 9 9.31 -12.82 5.42
N ILE A 10 9.77 -13.33 4.29
CA ILE A 10 9.68 -12.61 3.05
C ILE A 10 8.22 -12.45 2.63
N TRP A 11 7.44 -13.50 2.86
CA TRP A 11 6.02 -13.48 2.50
C TRP A 11 5.29 -12.31 3.15
N TRP A 12 5.63 -12.03 4.40
CA TRP A 12 5.01 -10.93 5.12
C TRP A 12 5.43 -9.60 4.51
N VAL A 13 6.68 -9.52 4.05
CA VAL A 13 7.15 -8.29 3.43
C VAL A 13 6.40 -8.08 2.12
N LEU A 14 6.26 -9.18 1.37
CA LEU A 14 5.55 -9.13 0.10
C LEU A 14 4.09 -8.77 0.34
N VAL A 15 3.49 -9.36 1.37
CA VAL A 15 2.09 -9.09 1.70
C VAL A 15 1.91 -7.62 2.06
N GLY A 16 2.82 -7.10 2.89
CA GLY A 16 2.75 -5.72 3.33
C GLY A 16 2.84 -4.76 2.15
N VAL A 17 3.72 -5.09 1.22
CA VAL A 17 3.95 -4.29 0.03
C VAL A 17 2.72 -4.28 -0.85
N LEU A 18 2.15 -5.44 -1.10
CA LEU A 18 0.95 -5.50 -1.91
C LEU A 18 -0.15 -4.71 -1.23
N GLY A 19 -0.22 -4.85 0.10
CA GLY A 19 -1.22 -4.15 0.89
C GLY A 19 -1.00 -2.65 0.82
N GLY A 20 0.23 -2.21 0.98
CA GLY A 20 0.52 -0.80 0.92
C GLY A 20 0.14 -0.26 -0.46
N LEU A 21 0.38 -1.09 -1.48
CA LEU A 21 0.03 -0.69 -2.85
C LEU A 21 -1.48 -0.59 -3.02
N LEU A 22 -2.21 -1.56 -2.48
CA LEU A 22 -3.66 -1.55 -2.58
C LEU A 22 -4.23 -0.31 -1.89
N LEU A 23 -3.74 -0.02 -0.71
CA LEU A 23 -4.22 1.14 0.02
C LEU A 23 -3.90 2.44 -0.73
N LEU A 24 -2.70 2.54 -1.27
CA LEU A 24 -2.29 3.74 -2.01
C LEU A 24 -3.15 3.90 -3.26
N THR A 25 -3.44 2.79 -3.91
CA THR A 25 -4.25 2.81 -5.12
C THR A 25 -5.65 3.31 -4.78
N ILE A 26 -6.23 2.76 -3.72
CA ILE A 26 -7.57 3.15 -3.31
C ILE A 26 -7.62 4.62 -2.92
N LEU A 27 -6.63 5.09 -2.17
CA LEU A 27 -6.61 6.49 -1.75
C LEU A 27 -6.43 7.42 -2.97
N VAL A 28 -5.57 7.01 -3.90
CA VAL A 28 -5.33 7.81 -5.10
C VAL A 28 -6.56 7.81 -5.99
N LEU A 29 -7.12 6.63 -6.22
CA LEU A 29 -8.31 6.51 -7.03
C LEU A 29 -9.47 7.22 -6.37
N ALA A 30 -9.61 7.04 -5.06
CA ALA A 30 -10.69 7.67 -4.32
C ALA A 30 -10.55 9.18 -4.40
N MET A 31 -9.33 9.62 -4.22
CA MET A 31 -9.01 11.03 -4.28
C MET A 31 -9.31 11.56 -5.65
N TRP A 32 -9.09 10.70 -6.62
CA TRP A 32 -9.34 11.04 -7.99
C TRP A 32 -10.83 11.08 -8.22
N LYS A 33 -11.52 10.16 -7.55
CA LYS A 33 -12.98 10.05 -7.65
C LYS A 33 -13.63 11.26 -7.00
N VAL A 34 -13.08 11.63 -5.84
CA VAL A 34 -13.62 12.75 -5.09
C VAL A 34 -13.08 14.07 -5.67
N GLY A 35 -12.11 13.96 -6.59
CA GLY A 35 -11.54 15.14 -7.22
C GLY A 35 -10.45 15.79 -6.38
N PHE A 36 -10.08 15.22 -5.25
CA PHE A 36 -9.10 15.85 -4.41
C PHE A 36 -7.82 16.25 -5.17
N PHE A 37 -7.76 15.91 -6.45
CA PHE A 37 -6.60 16.25 -7.26
C PHE A 37 -6.71 17.68 -7.81
N LYS A 38 -7.81 18.36 -7.48
CA LYS A 38 -7.98 19.75 -7.94
C LYS A 38 -6.81 20.58 -7.40
N ARG A 39 -6.48 20.38 -6.13
CA ARG A 39 -5.37 21.12 -5.53
C ARG A 39 -4.07 20.38 -5.75
N ASN A 40 -3.35 20.12 -4.66
CA ASN A 40 -2.08 19.41 -4.75
C ASN A 40 -1.17 20.08 -5.78
N ARG A 41 -1.18 21.40 -5.81
CA ARG A 41 -0.34 22.13 -6.76
C ARG A 41 1.13 21.92 -6.40
N PRO A 42 2.02 22.17 -7.32
CA PRO A 42 3.47 21.99 -7.08
C PRO A 42 3.86 22.43 -5.67
N GLY A 1 22.07 -12.17 3.74
CA GLY A 1 21.76 -13.38 2.92
C GLY A 1 21.80 -14.63 3.81
N ALA A 2 20.89 -15.56 3.55
CA ALA A 2 20.85 -16.80 4.32
C ALA A 2 20.96 -16.50 5.82
N LEU A 3 19.81 -16.39 6.49
CA LEU A 3 19.81 -16.11 7.92
C LEU A 3 19.62 -17.40 8.71
N GLU A 4 20.52 -17.65 9.63
CA GLU A 4 20.47 -18.85 10.47
C GLU A 4 19.25 -18.81 11.38
N GLU A 5 18.88 -17.59 11.80
CA GLU A 5 17.74 -17.41 12.68
C GLU A 5 16.45 -17.85 11.99
N ARG A 6 16.38 -17.63 10.68
CA ARG A 6 15.20 -18.00 9.91
C ARG A 6 13.95 -17.41 10.52
N ALA A 7 13.93 -16.09 10.68
CA ALA A 7 12.78 -15.42 11.27
C ALA A 7 12.26 -14.31 10.34
N ILE A 8 10.99 -13.96 10.51
CA ILE A 8 10.38 -12.92 9.69
C ILE A 8 10.41 -13.31 8.21
N PRO A 9 9.51 -14.16 7.77
CA PRO A 9 9.45 -14.60 6.35
C PRO A 9 9.23 -13.43 5.38
N ILE A 10 9.80 -13.55 4.19
CA ILE A 10 9.69 -12.51 3.18
C ILE A 10 8.24 -12.38 2.71
N TRP A 11 7.48 -13.46 2.82
CA TRP A 11 6.09 -13.45 2.38
C TRP A 11 5.32 -12.32 3.04
N TRP A 12 5.61 -12.06 4.31
CA TRP A 12 4.94 -10.99 5.04
C TRP A 12 5.37 -9.63 4.49
N VAL A 13 6.63 -9.50 4.09
CA VAL A 13 7.09 -8.25 3.52
C VAL A 13 6.35 -8.02 2.21
N LEU A 14 6.26 -9.09 1.43
CA LEU A 14 5.56 -9.03 0.15
C LEU A 14 4.10 -8.68 0.37
N VAL A 15 3.48 -9.28 1.38
CA VAL A 15 2.08 -9.01 1.67
C VAL A 15 1.90 -7.55 2.02
N GLY A 16 2.79 -7.02 2.86
CA GLY A 16 2.72 -5.64 3.28
C GLY A 16 2.84 -4.69 2.09
N VAL A 17 3.70 -5.06 1.16
CA VAL A 17 3.96 -4.27 -0.04
C VAL A 17 2.74 -4.25 -0.93
N LEU A 18 2.16 -5.42 -1.16
CA LEU A 18 0.97 -5.51 -1.98
C LEU A 18 -0.15 -4.74 -1.31
N GLY A 19 -0.23 -4.88 0.01
CA GLY A 19 -1.25 -4.20 0.78
C GLY A 19 -1.04 -2.70 0.74
N GLY A 20 0.20 -2.26 0.93
CA GLY A 20 0.52 -0.86 0.89
C GLY A 20 0.16 -0.32 -0.49
N LEU A 21 0.43 -1.13 -1.50
CA LEU A 21 0.11 -0.73 -2.86
C LEU A 21 -1.40 -0.63 -3.05
N LEU A 22 -2.13 -1.62 -2.54
CA LEU A 22 -3.59 -1.63 -2.66
C LEU A 22 -4.19 -0.42 -1.96
N LEU A 23 -3.72 -0.15 -0.74
CA LEU A 23 -4.25 0.98 0.02
C LEU A 23 -3.94 2.30 -0.70
N LEU A 24 -2.72 2.45 -1.20
CA LEU A 24 -2.33 3.67 -1.90
C LEU A 24 -3.16 3.85 -3.15
N THR A 25 -3.40 2.76 -3.85
CA THR A 25 -4.17 2.81 -5.07
C THR A 25 -5.60 3.27 -4.78
N ILE A 26 -6.21 2.69 -3.76
CA ILE A 26 -7.58 3.04 -3.41
C ILE A 26 -7.69 4.51 -2.98
N LEU A 27 -6.76 4.96 -2.15
CA LEU A 27 -6.77 6.35 -1.69
C LEU A 27 -6.55 7.32 -2.86
N VAL A 28 -5.63 6.98 -3.77
CA VAL A 28 -5.33 7.81 -4.92
C VAL A 28 -6.54 7.86 -5.84
N LEU A 29 -7.08 6.68 -6.12
CA LEU A 29 -8.26 6.57 -6.95
C LEU A 29 -9.43 7.27 -6.30
N ALA A 30 -9.61 7.07 -4.99
CA ALA A 30 -10.70 7.70 -4.26
C ALA A 30 -10.56 9.20 -4.32
N MET A 31 -9.34 9.65 -4.11
CA MET A 31 -9.01 11.05 -4.15
C MET A 31 -9.28 11.57 -5.55
N TRP A 32 -9.13 10.66 -6.50
CA TRP A 32 -9.38 10.98 -7.89
C TRP A 32 -10.87 11.08 -8.10
N LYS A 33 -11.60 10.20 -7.45
CA LYS A 33 -13.04 10.15 -7.56
C LYS A 33 -13.66 11.38 -6.94
N VAL A 34 -13.07 11.79 -5.82
CA VAL A 34 -13.59 12.94 -5.10
C VAL A 34 -13.04 14.24 -5.68
N GLY A 35 -12.08 14.10 -6.60
CA GLY A 35 -11.49 15.27 -7.25
C GLY A 35 -10.41 15.92 -6.39
N PHE A 36 -10.05 15.34 -5.26
CA PHE A 36 -9.07 15.97 -4.40
C PHE A 36 -7.78 16.31 -5.15
N PHE A 37 -7.71 15.96 -6.42
CA PHE A 37 -6.51 16.25 -7.20
C PHE A 37 -6.64 17.59 -7.91
N LYS A 38 -7.78 18.22 -7.68
CA LYS A 38 -8.02 19.51 -8.34
C LYS A 38 -9.04 20.38 -7.60
N ARG A 39 -8.81 21.69 -7.64
CA ARG A 39 -9.69 22.63 -6.96
C ARG A 39 -10.96 22.87 -7.78
N ASN A 40 -12.09 23.05 -7.09
CA ASN A 40 -13.36 23.30 -7.78
C ASN A 40 -13.27 24.59 -8.58
N ARG A 41 -12.68 25.61 -7.97
CA ARG A 41 -12.52 26.89 -8.65
C ARG A 41 -11.33 26.83 -9.61
N PRO A 42 -11.30 27.69 -10.59
CA PRO A 42 -10.19 27.72 -11.59
C PRO A 42 -8.85 28.10 -10.95
N GLY A 1 22.68 -22.14 4.50
CA GLY A 1 23.49 -22.65 5.64
C GLY A 1 23.22 -21.80 6.86
N ALA A 2 21.94 -21.53 7.14
CA ALA A 2 21.56 -20.72 8.30
C ALA A 2 20.43 -21.39 9.08
N LEU A 3 20.41 -21.15 10.38
CA LEU A 3 19.39 -21.73 11.25
C LEU A 3 18.51 -20.65 11.86
N GLU A 4 17.20 -20.85 11.80
CA GLU A 4 16.25 -19.90 12.37
C GLU A 4 16.73 -18.47 12.14
N GLU A 5 16.45 -17.94 10.95
CA GLU A 5 16.84 -16.58 10.61
C GLU A 5 16.14 -15.57 11.51
N ARG A 6 16.89 -14.55 11.93
CA ARG A 6 16.34 -13.50 12.78
C ARG A 6 15.23 -12.76 12.01
N ALA A 7 15.48 -12.57 10.72
CA ALA A 7 14.54 -11.88 9.84
C ALA A 7 13.24 -12.68 9.66
N ILE A 8 12.12 -11.97 9.57
CA ILE A 8 10.81 -12.61 9.40
C ILE A 8 10.65 -13.13 7.96
N PRO A 9 9.66 -13.96 7.69
CA PRO A 9 9.45 -14.51 6.32
C PRO A 9 9.20 -13.40 5.31
N ILE A 10 9.64 -13.62 4.08
CA ILE A 10 9.48 -12.62 3.03
C ILE A 10 8.01 -12.45 2.67
N TRP A 11 7.21 -13.50 2.92
CA TRP A 11 5.79 -13.44 2.62
C TRP A 11 5.15 -12.21 3.27
N TRP A 12 5.59 -11.87 4.47
CA TRP A 12 5.05 -10.72 5.17
C TRP A 12 5.52 -9.41 4.54
N VAL A 13 6.75 -9.39 4.06
CA VAL A 13 7.27 -8.20 3.40
C VAL A 13 6.51 -7.99 2.10
N LEU A 14 6.33 -9.08 1.38
CA LEU A 14 5.61 -9.05 0.12
C LEU A 14 4.17 -8.65 0.36
N VAL A 15 3.55 -9.22 1.38
CA VAL A 15 2.16 -8.91 1.67
C VAL A 15 1.97 -7.44 2.01
N GLY A 16 2.84 -6.91 2.85
CA GLY A 16 2.76 -5.51 3.26
C GLY A 16 2.87 -4.57 2.06
N VAL A 17 3.72 -4.96 1.12
CA VAL A 17 3.98 -4.18 -0.09
C VAL A 17 2.74 -4.18 -0.97
N LEU A 18 2.20 -5.36 -1.20
CA LEU A 18 1.01 -5.51 -2.00
C LEU A 18 -0.13 -4.77 -1.34
N GLY A 19 -0.22 -4.91 -0.01
CA GLY A 19 -1.27 -4.25 0.76
C GLY A 19 -1.08 -2.75 0.72
N GLY A 20 0.16 -2.31 0.91
CA GLY A 20 0.47 -0.89 0.86
C GLY A 20 0.11 -0.37 -0.52
N LEU A 21 0.38 -1.19 -1.53
CA LEU A 21 0.06 -0.82 -2.91
C LEU A 21 -1.46 -0.70 -3.09
N LEU A 22 -2.21 -1.64 -2.53
CA LEU A 22 -3.66 -1.60 -2.65
C LEU A 22 -4.24 -0.39 -1.95
N LEU A 23 -3.75 -0.11 -0.75
CA LEU A 23 -4.25 1.02 0.00
C LEU A 23 -3.95 2.34 -0.73
N LEU A 24 -2.73 2.47 -1.24
CA LEU A 24 -2.33 3.68 -1.96
C LEU A 24 -3.16 3.84 -3.22
N THR A 25 -3.42 2.73 -3.87
CA THR A 25 -4.22 2.75 -5.09
C THR A 25 -5.63 3.21 -4.78
N ILE A 26 -6.21 2.64 -3.74
CA ILE A 26 -7.59 2.99 -3.37
C ILE A 26 -7.71 4.46 -2.97
N LEU A 27 -6.76 4.93 -2.17
CA LEU A 27 -6.77 6.31 -1.70
C LEU A 27 -6.56 7.30 -2.85
N VAL A 28 -5.66 6.97 -3.75
CA VAL A 28 -5.37 7.83 -4.90
C VAL A 28 -6.59 7.84 -5.83
N LEU A 29 -7.10 6.65 -6.11
CA LEU A 29 -8.27 6.50 -6.96
C LEU A 29 -9.45 7.19 -6.30
N ALA A 30 -9.62 7.00 -5.01
CA ALA A 30 -10.72 7.62 -4.29
C ALA A 30 -10.58 9.13 -4.37
N MET A 31 -9.36 9.58 -4.18
CA MET A 31 -9.04 10.99 -4.22
C MET A 31 -9.28 11.53 -5.62
N TRP A 32 -9.05 10.67 -6.59
CA TRP A 32 -9.26 11.02 -7.97
C TRP A 32 -10.74 11.09 -8.22
N LYS A 33 -11.46 10.21 -7.53
CA LYS A 33 -12.91 10.12 -7.64
C LYS A 33 -13.57 11.33 -6.99
N VAL A 34 -13.01 11.72 -5.85
CA VAL A 34 -13.57 12.85 -5.12
C VAL A 34 -13.02 14.17 -5.66
N GLY A 35 -12.06 14.05 -6.56
CA GLY A 35 -11.47 15.23 -7.17
C GLY A 35 -10.41 15.87 -6.30
N PHE A 36 -10.03 15.29 -5.16
CA PHE A 36 -9.05 15.92 -4.31
C PHE A 36 -7.76 16.29 -5.05
N PHE A 37 -7.68 15.96 -6.34
CA PHE A 37 -6.49 16.27 -7.12
C PHE A 37 -6.63 17.64 -7.77
N LYS A 38 -7.79 18.26 -7.55
CA LYS A 38 -8.03 19.58 -8.16
C LYS A 38 -9.09 20.42 -7.43
N ARG A 39 -8.98 21.73 -7.54
CA ARG A 39 -9.93 22.64 -6.89
C ARG A 39 -11.10 22.93 -7.80
N ASN A 40 -11.51 21.93 -8.55
CA ASN A 40 -12.64 22.07 -9.47
C ASN A 40 -13.92 22.38 -8.67
N ARG A 41 -14.10 21.66 -7.56
CA ARG A 41 -15.29 21.85 -6.72
C ARG A 41 -14.86 22.32 -5.32
N PRO A 42 -15.70 23.05 -4.61
CA PRO A 42 -15.37 23.57 -3.25
C PRO A 42 -14.48 22.62 -2.45
N GLY A 1 12.25 -16.78 22.22
CA GLY A 1 12.94 -15.95 23.25
C GLY A 1 13.73 -14.83 22.56
N ALA A 2 14.94 -14.57 23.05
CA ALA A 2 15.78 -13.53 22.48
C ALA A 2 16.14 -13.86 21.03
N LEU A 3 16.35 -15.15 20.75
CA LEU A 3 16.70 -15.59 19.40
C LEU A 3 15.57 -16.42 18.80
N GLU A 4 15.32 -16.22 17.51
CA GLU A 4 14.27 -16.95 16.82
C GLU A 4 14.83 -17.57 15.54
N GLU A 5 14.37 -18.77 15.21
CA GLU A 5 14.82 -19.44 14.01
C GLU A 5 14.36 -18.68 12.76
N ARG A 6 13.12 -18.20 12.81
CA ARG A 6 12.56 -17.46 11.67
C ARG A 6 12.64 -15.95 11.89
N ALA A 7 12.96 -15.23 10.83
CA ALA A 7 13.05 -13.78 10.91
C ALA A 7 12.70 -13.15 9.56
N ILE A 8 12.15 -11.93 9.62
CA ILE A 8 11.76 -11.20 8.42
C ILE A 8 11.35 -12.15 7.29
N PRO A 9 10.21 -12.77 7.42
CA PRO A 9 9.70 -13.73 6.40
C PRO A 9 9.44 -13.04 5.07
N ILE A 10 9.68 -13.76 3.98
CA ILE A 10 9.48 -13.23 2.63
C ILE A 10 8.00 -12.93 2.40
N TRP A 11 7.13 -13.85 2.82
CA TRP A 11 5.70 -13.70 2.62
C TRP A 11 5.13 -12.43 3.26
N TRP A 12 5.59 -12.09 4.46
CA TRP A 12 5.08 -10.91 5.17
C TRP A 12 5.54 -9.60 4.54
N VAL A 13 6.78 -9.52 4.09
CA VAL A 13 7.25 -8.28 3.48
C VAL A 13 6.51 -8.07 2.16
N LEU A 14 6.34 -9.15 1.42
CA LEU A 14 5.62 -9.11 0.15
C LEU A 14 4.17 -8.72 0.37
N VAL A 15 3.55 -9.30 1.40
CA VAL A 15 2.15 -9.00 1.69
C VAL A 15 1.98 -7.53 2.03
N GLY A 16 2.86 -7.02 2.87
CA GLY A 16 2.79 -5.62 3.29
C GLY A 16 2.88 -4.68 2.09
N VAL A 17 3.78 -5.00 1.16
CA VAL A 17 3.99 -4.19 -0.02
C VAL A 17 2.76 -4.19 -0.89
N LEU A 18 2.20 -5.37 -1.12
CA LEU A 18 1.01 -5.48 -1.92
C LEU A 18 -0.11 -4.71 -1.25
N GLY A 19 -0.16 -4.83 0.07
CA GLY A 19 -1.18 -4.16 0.88
C GLY A 19 -0.99 -2.66 0.85
N GLY A 20 0.24 -2.21 1.08
CA GLY A 20 0.51 -0.79 1.05
C GLY A 20 0.18 -0.24 -0.32
N LEU A 21 0.45 -1.05 -1.34
CA LEU A 21 0.15 -0.64 -2.70
C LEU A 21 -1.36 -0.52 -2.89
N LEU A 22 -2.10 -1.50 -2.38
CA LEU A 22 -3.55 -1.46 -2.52
C LEU A 22 -4.12 -0.23 -1.83
N LEU A 23 -3.65 0.05 -0.63
CA LEU A 23 -4.14 1.21 0.11
C LEU A 23 -3.83 2.51 -0.62
N LEU A 24 -2.61 2.65 -1.12
CA LEU A 24 -2.22 3.86 -1.85
C LEU A 24 -3.04 4.02 -3.12
N THR A 25 -3.26 2.91 -3.80
CA THR A 25 -4.01 2.93 -5.04
C THR A 25 -5.45 3.37 -4.77
N ILE A 26 -6.06 2.80 -3.75
CA ILE A 26 -7.45 3.13 -3.42
C ILE A 26 -7.58 4.59 -3.00
N LEU A 27 -6.66 5.06 -2.18
CA LEU A 27 -6.68 6.45 -1.72
C LEU A 27 -6.49 7.39 -2.91
N VAL A 28 -5.58 7.05 -3.82
CA VAL A 28 -5.31 7.89 -5.00
C VAL A 28 -6.52 7.90 -5.91
N LEU A 29 -7.04 6.72 -6.17
CA LEU A 29 -8.21 6.57 -7.02
C LEU A 29 -9.41 7.25 -6.38
N ALA A 30 -9.59 7.06 -5.07
CA ALA A 30 -10.71 7.67 -4.37
C ALA A 30 -10.60 9.18 -4.42
N MET A 31 -9.41 9.66 -4.14
CA MET A 31 -9.12 11.06 -4.15
C MET A 31 -9.33 11.61 -5.54
N TRP A 32 -9.05 10.77 -6.52
CA TRP A 32 -9.24 11.13 -7.91
C TRP A 32 -10.73 11.15 -8.20
N LYS A 33 -11.45 10.22 -7.59
CA LYS A 33 -12.89 10.09 -7.77
C LYS A 33 -13.59 11.27 -7.13
N VAL A 34 -13.10 11.65 -5.95
CA VAL A 34 -13.71 12.74 -5.23
C VAL A 34 -13.18 14.07 -5.76
N GLY A 35 -12.21 14.01 -6.67
CA GLY A 35 -11.65 15.20 -7.27
C GLY A 35 -10.58 15.84 -6.40
N PHE A 36 -10.24 15.25 -5.28
CA PHE A 36 -9.26 15.88 -4.42
C PHE A 36 -7.97 16.24 -5.17
N PHE A 37 -7.91 15.89 -6.46
CA PHE A 37 -6.73 16.20 -7.25
C PHE A 37 -6.86 17.59 -7.87
N LYS A 38 -8.04 18.19 -7.66
CA LYS A 38 -8.28 19.53 -8.23
C LYS A 38 -9.40 20.28 -7.52
N ARG A 39 -9.35 21.61 -7.59
CA ARG A 39 -10.38 22.43 -6.95
C ARG A 39 -11.73 22.20 -7.61
N ASN A 40 -11.73 22.08 -8.93
CA ASN A 40 -12.96 21.87 -9.68
C ASN A 40 -13.45 20.43 -9.50
N ARG A 41 -14.78 20.28 -9.53
CA ARG A 41 -15.38 18.96 -9.36
C ARG A 41 -15.07 18.06 -10.57
N PRO A 42 -15.09 16.77 -10.38
CA PRO A 42 -14.82 15.80 -11.48
C PRO A 42 -15.86 15.87 -12.60
N GLY A 1 21.66 -22.13 8.75
CA GLY A 1 22.66 -22.63 9.74
C GLY A 1 22.32 -22.10 11.13
N ALA A 2 21.51 -21.05 11.18
CA ALA A 2 21.14 -20.45 12.46
C ALA A 2 19.78 -19.77 12.36
N LEU A 3 19.14 -19.57 13.51
CA LEU A 3 17.84 -18.93 13.54
C LEU A 3 18.00 -17.43 13.80
N GLU A 4 17.34 -16.62 12.99
CA GLU A 4 17.40 -15.18 13.13
C GLU A 4 16.77 -14.75 14.45
N GLU A 5 17.36 -13.74 15.08
CA GLU A 5 16.84 -13.24 16.35
C GLU A 5 15.47 -12.62 16.16
N ARG A 6 15.32 -11.86 15.07
CA ARG A 6 14.03 -11.20 14.79
C ARG A 6 13.33 -11.88 13.61
N ALA A 7 12.05 -12.17 13.79
CA ALA A 7 11.28 -12.81 12.74
C ALA A 7 10.94 -11.79 11.65
N ILE A 8 10.97 -12.25 10.40
CA ILE A 8 10.68 -11.37 9.28
C ILE A 8 10.61 -12.17 7.98
N PRO A 9 9.56 -12.94 7.81
CA PRO A 9 9.38 -13.78 6.61
C PRO A 9 9.20 -12.95 5.35
N ILE A 10 9.67 -13.47 4.23
CA ILE A 10 9.57 -12.76 2.96
C ILE A 10 8.11 -12.58 2.54
N TRP A 11 7.33 -13.64 2.70
CA TRP A 11 5.93 -13.61 2.31
C TRP A 11 5.17 -12.47 2.98
N TRP A 12 5.49 -12.22 4.25
CA TRP A 12 4.86 -11.13 4.99
C TRP A 12 5.33 -9.78 4.46
N VAL A 13 6.59 -9.70 4.04
CA VAL A 13 7.13 -8.47 3.49
C VAL A 13 6.44 -8.18 2.16
N LEU A 14 6.29 -9.23 1.35
CA LEU A 14 5.63 -9.10 0.06
C LEU A 14 4.17 -8.70 0.28
N VAL A 15 3.53 -9.31 1.28
CA VAL A 15 2.13 -9.01 1.57
C VAL A 15 1.95 -7.54 1.97
N GLY A 16 2.82 -7.05 2.84
CA GLY A 16 2.74 -5.67 3.31
C GLY A 16 2.87 -4.66 2.17
N VAL A 17 3.79 -4.95 1.26
CA VAL A 17 4.06 -4.07 0.13
C VAL A 17 2.88 -4.03 -0.81
N LEU A 18 2.36 -5.22 -1.13
CA LEU A 18 1.22 -5.29 -2.01
C LEU A 18 0.03 -4.62 -1.37
N GLY A 19 -0.13 -4.85 -0.06
CA GLY A 19 -1.25 -4.26 0.68
C GLY A 19 -1.11 -2.75 0.74
N GLY A 20 0.10 -2.29 1.04
CA GLY A 20 0.34 -0.86 1.09
C GLY A 20 0.06 -0.26 -0.27
N LEU A 21 0.39 -1.01 -1.32
CA LEU A 21 0.15 -0.55 -2.67
C LEU A 21 -1.36 -0.48 -2.94
N LEU A 22 -2.09 -1.49 -2.51
CA LEU A 22 -3.54 -1.50 -2.74
C LEU A 22 -4.18 -0.33 -1.99
N LEU A 23 -3.78 -0.11 -0.74
CA LEU A 23 -4.35 1.00 0.02
C LEU A 23 -4.03 2.32 -0.66
N LEU A 24 -2.78 2.46 -1.12
CA LEU A 24 -2.37 3.69 -1.78
C LEU A 24 -3.16 3.91 -3.06
N THR A 25 -3.38 2.82 -3.77
CA THR A 25 -4.12 2.89 -5.01
C THR A 25 -5.56 3.32 -4.75
N ILE A 26 -6.18 2.71 -3.75
CA ILE A 26 -7.56 3.05 -3.41
C ILE A 26 -7.69 4.49 -2.94
N LEU A 27 -6.76 4.92 -2.09
CA LEU A 27 -6.79 6.28 -1.56
C LEU A 27 -6.53 7.31 -2.67
N VAL A 28 -5.57 7.02 -3.54
CA VAL A 28 -5.24 7.94 -4.62
C VAL A 28 -6.38 8.04 -5.62
N LEU A 29 -6.89 6.87 -5.99
CA LEU A 29 -8.00 6.80 -6.92
C LEU A 29 -9.23 7.46 -6.30
N ALA A 30 -9.44 7.19 -5.02
CA ALA A 30 -10.59 7.76 -4.32
C ALA A 30 -10.49 9.27 -4.29
N MET A 31 -9.32 9.75 -3.93
CA MET A 31 -9.06 11.18 -3.85
C MET A 31 -9.19 11.81 -5.23
N TRP A 32 -8.89 11.01 -6.22
CA TRP A 32 -9.00 11.45 -7.58
C TRP A 32 -10.47 11.46 -7.96
N LYS A 33 -11.22 10.51 -7.42
CA LYS A 33 -12.65 10.38 -7.69
C LYS A 33 -13.41 11.52 -7.04
N VAL A 34 -12.97 11.86 -5.83
CA VAL A 34 -13.61 12.93 -5.09
C VAL A 34 -13.12 14.26 -5.65
N GLY A 35 -12.18 14.21 -6.59
CA GLY A 35 -11.68 15.42 -7.23
C GLY A 35 -10.59 16.09 -6.41
N PHE A 36 -10.22 15.53 -5.28
CA PHE A 36 -9.24 16.20 -4.46
C PHE A 36 -8.05 16.67 -5.29
N PHE A 37 -7.60 15.82 -6.23
CA PHE A 37 -6.48 16.16 -7.10
C PHE A 37 -6.94 17.02 -8.28
N LYS A 38 -8.25 17.29 -8.27
CA LYS A 38 -8.85 18.15 -9.30
C LYS A 38 -9.31 19.44 -8.64
N ARG A 39 -9.32 20.52 -9.41
CA ARG A 39 -9.74 21.82 -8.88
C ARG A 39 -10.75 22.45 -9.84
N ASN A 40 -11.90 22.85 -9.32
CA ASN A 40 -12.93 23.47 -10.16
C ASN A 40 -12.81 24.98 -10.10
N ARG A 41 -13.09 25.63 -11.23
CA ARG A 41 -13.01 27.07 -11.30
C ARG A 41 -14.38 27.69 -10.97
N PRO A 42 -14.40 28.93 -10.54
CA PRO A 42 -15.66 29.64 -10.19
C PRO A 42 -16.82 29.24 -11.11
N GLY A 1 16.51 -17.81 17.43
CA GLY A 1 17.30 -18.77 18.24
C GLY A 1 18.32 -19.46 17.34
N ALA A 2 18.16 -20.76 17.14
CA ALA A 2 19.08 -21.51 16.29
C ALA A 2 18.99 -21.02 14.86
N LEU A 3 17.78 -20.67 14.42
CA LEU A 3 17.59 -20.17 13.08
C LEU A 3 17.56 -18.66 13.07
N GLU A 4 18.37 -18.08 12.18
CA GLU A 4 18.46 -16.64 12.07
C GLU A 4 17.11 -16.05 11.69
N GLU A 5 16.35 -16.77 10.86
CA GLU A 5 15.04 -16.29 10.43
C GLU A 5 13.94 -16.94 11.27
N ARG A 6 12.96 -16.14 11.68
CA ARG A 6 11.85 -16.64 12.49
C ARG A 6 11.07 -17.72 11.74
N ALA A 7 10.84 -17.50 10.45
CA ALA A 7 10.12 -18.49 9.65
C ALA A 7 9.67 -17.90 8.32
N ILE A 8 10.59 -17.84 7.37
CA ILE A 8 10.26 -17.33 6.04
C ILE A 8 9.36 -16.10 6.13
N PRO A 9 9.88 -14.99 6.58
CA PRO A 9 9.11 -13.73 6.73
C PRO A 9 9.00 -12.96 5.41
N ILE A 10 9.55 -13.53 4.34
CA ILE A 10 9.52 -12.88 3.04
C ILE A 10 8.08 -12.72 2.55
N TRP A 11 7.28 -13.76 2.69
CA TRP A 11 5.90 -13.71 2.26
C TRP A 11 5.17 -12.56 2.93
N TRP A 12 5.47 -12.32 4.21
CA TRP A 12 4.86 -11.23 4.95
C TRP A 12 5.33 -9.87 4.43
N VAL A 13 6.60 -9.77 4.04
CA VAL A 13 7.11 -8.51 3.50
C VAL A 13 6.42 -8.20 2.17
N LEU A 14 6.31 -9.23 1.34
CA LEU A 14 5.67 -9.09 0.04
C LEU A 14 4.21 -8.71 0.23
N VAL A 15 3.55 -9.35 1.19
CA VAL A 15 2.14 -9.08 1.46
C VAL A 15 1.93 -7.63 1.87
N GLY A 16 2.78 -7.14 2.77
CA GLY A 16 2.66 -5.78 3.26
C GLY A 16 2.80 -4.74 2.15
N VAL A 17 3.76 -4.99 1.25
CA VAL A 17 4.03 -4.07 0.14
C VAL A 17 2.85 -4.03 -0.80
N LEU A 18 2.35 -5.19 -1.16
CA LEU A 18 1.22 -5.27 -2.05
C LEU A 18 0.02 -4.61 -1.39
N GLY A 19 -0.14 -4.87 -0.11
CA GLY A 19 -1.26 -4.31 0.64
C GLY A 19 -1.13 -2.80 0.74
N GLY A 20 0.07 -2.33 1.06
CA GLY A 20 0.29 -0.90 1.16
C GLY A 20 0.03 -0.26 -0.19
N LEU A 21 0.42 -0.97 -1.25
CA LEU A 21 0.19 -0.46 -2.59
C LEU A 21 -1.31 -0.36 -2.86
N LEU A 22 -2.06 -1.36 -2.45
CA LEU A 22 -3.51 -1.32 -2.67
C LEU A 22 -4.11 -0.15 -1.91
N LEU A 23 -3.70 0.04 -0.67
CA LEU A 23 -4.22 1.14 0.12
C LEU A 23 -3.89 2.47 -0.54
N LEU A 24 -2.65 2.60 -1.02
CA LEU A 24 -2.25 3.83 -1.68
C LEU A 24 -3.08 4.04 -2.94
N THR A 25 -3.29 2.96 -3.67
CA THR A 25 -4.06 3.01 -4.92
C THR A 25 -5.50 3.44 -4.65
N ILE A 26 -6.13 2.83 -3.67
CA ILE A 26 -7.51 3.16 -3.34
C ILE A 26 -7.64 4.60 -2.86
N LEU A 27 -6.71 5.03 -2.00
CA LEU A 27 -6.73 6.38 -1.48
C LEU A 27 -6.49 7.41 -2.58
N VAL A 28 -5.54 7.11 -3.48
CA VAL A 28 -5.21 8.01 -4.57
C VAL A 28 -6.34 8.09 -5.58
N LEU A 29 -6.81 6.92 -6.00
CA LEU A 29 -7.90 6.85 -6.94
C LEU A 29 -9.15 7.45 -6.32
N ALA A 30 -9.42 7.15 -5.05
CA ALA A 30 -10.60 7.68 -4.39
C ALA A 30 -10.51 9.20 -4.35
N MET A 31 -9.33 9.66 -4.01
CA MET A 31 -9.05 11.08 -3.94
C MET A 31 -9.23 11.69 -5.32
N TRP A 32 -8.96 10.86 -6.32
CA TRP A 32 -9.11 11.26 -7.71
C TRP A 32 -10.60 11.30 -8.04
N LYS A 33 -11.34 10.37 -7.46
CA LYS A 33 -12.77 10.28 -7.71
C LYS A 33 -13.48 11.45 -7.03
N VAL A 34 -13.01 11.77 -5.84
CA VAL A 34 -13.62 12.85 -5.09
C VAL A 34 -13.10 14.20 -5.61
N GLY A 35 -12.14 14.16 -6.54
CA GLY A 35 -11.62 15.38 -7.14
C GLY A 35 -10.52 16.00 -6.31
N PHE A 36 -10.15 15.42 -5.19
CA PHE A 36 -9.14 16.01 -4.35
C PHE A 36 -7.86 16.36 -5.14
N PHE A 37 -7.84 16.01 -6.43
CA PHE A 37 -6.68 16.29 -7.28
C PHE A 37 -7.07 17.21 -8.42
N LYS A 38 -8.38 17.43 -8.47
CA LYS A 38 -8.95 18.33 -9.48
C LYS A 38 -9.07 19.72 -8.86
N ARG A 39 -8.79 19.81 -7.56
CA ARG A 39 -8.87 21.08 -6.85
C ARG A 39 -7.76 22.00 -7.35
N ASN A 40 -8.05 23.29 -7.44
CA ASN A 40 -7.06 24.25 -7.92
C ASN A 40 -6.06 24.58 -6.81
N ARG A 41 -4.82 24.87 -7.21
CA ARG A 41 -3.76 25.18 -6.24
C ARG A 41 -2.86 26.30 -6.77
N PRO A 42 -2.24 27.06 -5.90
CA PRO A 42 -1.34 28.19 -6.31
C PRO A 42 -0.21 27.70 -7.22
N GLY A 1 8.22 -29.39 18.60
CA GLY A 1 9.40 -30.28 18.42
C GLY A 1 10.02 -30.08 17.05
N ALA A 2 11.03 -29.22 16.98
CA ALA A 2 11.70 -28.94 15.72
C ALA A 2 13.12 -28.44 15.97
N LEU A 3 14.00 -28.67 15.00
CA LEU A 3 15.39 -28.22 15.13
C LEU A 3 15.51 -26.74 14.80
N GLU A 4 16.35 -26.03 15.55
CA GLU A 4 16.55 -24.60 15.30
C GLU A 4 15.22 -23.86 15.20
N GLU A 5 15.28 -22.60 14.74
CA GLU A 5 14.08 -21.78 14.60
C GLU A 5 13.88 -21.42 13.14
N ARG A 6 12.62 -21.42 12.68
CA ARG A 6 12.31 -21.09 11.30
C ARG A 6 11.54 -19.77 11.20
N ALA A 7 11.73 -19.09 10.08
CA ALA A 7 11.07 -17.82 9.85
C ALA A 7 10.64 -17.69 8.39
N ILE A 8 9.61 -16.89 8.15
CA ILE A 8 9.11 -16.68 6.80
C ILE A 8 8.68 -15.23 6.61
N PRO A 9 9.54 -14.30 6.92
CA PRO A 9 9.24 -12.84 6.78
C PRO A 9 9.12 -12.39 5.32
N ILE A 10 9.60 -13.22 4.41
CA ILE A 10 9.56 -12.88 2.98
C ILE A 10 8.13 -12.74 2.48
N TRP A 11 7.27 -13.67 2.85
CA TRP A 11 5.88 -13.63 2.42
C TRP A 11 5.15 -12.47 3.06
N TRP A 12 5.47 -12.18 4.32
CA TRP A 12 4.85 -11.07 5.02
C TRP A 12 5.33 -9.74 4.45
N VAL A 13 6.58 -9.69 4.01
CA VAL A 13 7.10 -8.47 3.41
C VAL A 13 6.40 -8.20 2.08
N LEU A 14 6.28 -9.26 1.28
CA LEU A 14 5.61 -9.19 -0.02
C LEU A 14 4.14 -8.82 0.17
N VAL A 15 3.52 -9.41 1.18
CA VAL A 15 2.11 -9.13 1.44
C VAL A 15 1.89 -7.67 1.85
N GLY A 16 2.75 -7.17 2.75
CA GLY A 16 2.63 -5.80 3.25
C GLY A 16 2.80 -4.75 2.18
N VAL A 17 3.80 -4.92 1.32
CA VAL A 17 4.08 -3.95 0.26
C VAL A 17 2.96 -3.93 -0.75
N LEU A 18 2.48 -5.11 -1.12
CA LEU A 18 1.38 -5.20 -2.06
C LEU A 18 0.15 -4.55 -1.44
N GLY A 19 -0.06 -4.81 -0.15
CA GLY A 19 -1.21 -4.25 0.56
C GLY A 19 -1.09 -2.75 0.66
N GLY A 20 0.09 -2.27 1.03
CA GLY A 20 0.32 -0.85 1.12
C GLY A 20 0.05 -0.22 -0.22
N LEU A 21 0.47 -0.93 -1.28
CA LEU A 21 0.24 -0.43 -2.63
C LEU A 21 -1.25 -0.36 -2.90
N LEU A 22 -1.98 -1.38 -2.47
CA LEU A 22 -3.42 -1.40 -2.68
C LEU A 22 -4.09 -0.23 -1.95
N LEU A 23 -3.70 -0.03 -0.70
CA LEU A 23 -4.30 1.07 0.06
C LEU A 23 -3.97 2.41 -0.60
N LEU A 24 -2.73 2.57 -1.04
CA LEU A 24 -2.34 3.82 -1.69
C LEU A 24 -3.14 4.02 -2.97
N THR A 25 -3.34 2.93 -3.70
CA THR A 25 -4.08 2.98 -4.95
C THR A 25 -5.52 3.39 -4.71
N ILE A 26 -6.16 2.78 -3.72
CA ILE A 26 -7.55 3.07 -3.41
C ILE A 26 -7.70 4.52 -2.95
N LEU A 27 -6.80 4.96 -2.09
CA LEU A 27 -6.86 6.33 -1.59
C LEU A 27 -6.60 7.34 -2.71
N VAL A 28 -5.65 7.02 -3.58
CA VAL A 28 -5.30 7.89 -4.68
C VAL A 28 -6.45 7.99 -5.68
N LEU A 29 -6.97 6.84 -6.04
CA LEU A 29 -8.09 6.76 -6.96
C LEU A 29 -9.30 7.42 -6.33
N ALA A 30 -9.53 7.16 -5.05
CA ALA A 30 -10.67 7.73 -4.35
C ALA A 30 -10.59 9.23 -4.31
N MET A 31 -9.41 9.71 -3.94
CA MET A 31 -9.13 11.12 -3.85
C MET A 31 -9.27 11.75 -5.22
N TRP A 32 -8.94 10.97 -6.22
CA TRP A 32 -9.05 11.42 -7.58
C TRP A 32 -10.53 11.47 -7.93
N LYS A 33 -11.26 10.49 -7.41
CA LYS A 33 -12.70 10.36 -7.63
C LYS A 33 -13.42 11.52 -6.98
N VAL A 34 -12.97 11.87 -5.78
CA VAL A 34 -13.60 12.95 -5.05
C VAL A 34 -13.10 14.28 -5.60
N GLY A 35 -12.17 14.22 -6.55
CA GLY A 35 -11.65 15.42 -7.19
C GLY A 35 -10.56 16.07 -6.38
N PHE A 36 -10.17 15.51 -5.26
CA PHE A 36 -9.18 16.15 -4.44
C PHE A 36 -8.00 16.63 -5.30
N PHE A 37 -7.55 15.79 -6.23
CA PHE A 37 -6.44 16.14 -7.11
C PHE A 37 -6.89 16.99 -8.29
N LYS A 38 -8.21 17.19 -8.35
CA LYS A 38 -8.81 18.02 -9.39
C LYS A 38 -9.77 19.01 -8.73
N ARG A 39 -9.30 20.23 -8.53
CA ARG A 39 -10.13 21.26 -7.92
C ARG A 39 -11.31 21.61 -8.82
N ASN A 40 -11.05 21.70 -10.13
CA ASN A 40 -12.09 22.03 -11.10
C ASN A 40 -12.87 20.80 -11.53
N ARG A 41 -14.15 20.77 -11.19
CA ARG A 41 -15.01 19.66 -11.57
C ARG A 41 -15.33 19.73 -13.07
N PRO A 42 -15.17 18.67 -13.82
CA PRO A 42 -15.45 18.68 -15.29
C PRO A 42 -16.68 19.52 -15.63
N GLY A 1 8.12 -11.78 25.40
CA GLY A 1 9.20 -11.89 24.37
C GLY A 1 9.87 -10.53 24.19
N ALA A 2 11.16 -10.56 23.86
CA ALA A 2 11.92 -9.32 23.66
C ALA A 2 11.51 -8.67 22.35
N LEU A 3 11.42 -7.34 22.34
CA LEU A 3 11.04 -6.61 21.14
C LEU A 3 9.70 -7.12 20.61
N GLU A 4 9.34 -6.70 19.40
CA GLU A 4 8.08 -7.11 18.80
C GLU A 4 8.31 -7.76 17.44
N GLU A 5 7.61 -8.85 17.18
CA GLU A 5 7.73 -9.54 15.90
C GLU A 5 9.17 -9.51 15.38
N ARG A 6 10.04 -10.22 16.08
CA ARG A 6 11.45 -10.27 15.69
C ARG A 6 11.59 -10.93 14.31
N ALA A 7 10.83 -12.01 14.11
CA ALA A 7 10.86 -12.73 12.83
C ALA A 7 10.31 -11.84 11.72
N ILE A 8 10.93 -11.91 10.53
CA ILE A 8 10.48 -11.10 9.39
C ILE A 8 10.44 -11.93 8.10
N PRO A 9 9.45 -12.76 7.97
CA PRO A 9 9.27 -13.62 6.76
C PRO A 9 9.11 -12.82 5.48
N ILE A 10 9.64 -13.36 4.39
CA ILE A 10 9.58 -12.69 3.11
C ILE A 10 8.13 -12.56 2.63
N TRP A 11 7.35 -13.63 2.77
CA TRP A 11 5.95 -13.59 2.32
C TRP A 11 5.20 -12.46 3.00
N TRP A 12 5.51 -12.20 4.27
CA TRP A 12 4.86 -11.13 5.02
C TRP A 12 5.31 -9.77 4.48
N VAL A 13 6.57 -9.68 4.08
CA VAL A 13 7.08 -8.43 3.52
C VAL A 13 6.40 -8.16 2.19
N LEU A 14 6.32 -9.21 1.37
CA LEU A 14 5.69 -9.12 0.06
C LEU A 14 4.22 -8.79 0.24
N VAL A 15 3.58 -9.43 1.21
CA VAL A 15 2.16 -9.19 1.47
C VAL A 15 1.93 -7.75 1.88
N GLY A 16 2.77 -7.26 2.79
CA GLY A 16 2.65 -5.90 3.29
C GLY A 16 2.77 -4.87 2.17
N VAL A 17 3.72 -5.11 1.28
CA VAL A 17 3.99 -4.20 0.17
C VAL A 17 2.82 -4.17 -0.79
N LEU A 18 2.30 -5.35 -1.10
CA LEU A 18 1.15 -5.44 -1.99
C LEU A 18 -0.01 -4.71 -1.34
N GLY A 19 -0.13 -4.90 -0.04
CA GLY A 19 -1.22 -4.27 0.71
C GLY A 19 -1.04 -2.76 0.73
N GLY A 20 0.18 -2.32 0.97
CA GLY A 20 0.47 -0.91 0.99
C GLY A 20 0.17 -0.31 -0.38
N LEU A 21 0.45 -1.07 -1.42
CA LEU A 21 0.16 -0.59 -2.77
C LEU A 21 -1.35 -0.49 -2.98
N LEU A 22 -2.08 -1.49 -2.51
CA LEU A 22 -3.53 -1.48 -2.66
C LEU A 22 -4.12 -0.29 -1.93
N LEU A 23 -3.68 -0.05 -0.72
CA LEU A 23 -4.20 1.06 0.05
C LEU A 23 -3.90 2.39 -0.64
N LEU A 24 -2.66 2.56 -1.10
CA LEU A 24 -2.30 3.82 -1.76
C LEU A 24 -3.09 3.99 -3.04
N THR A 25 -3.27 2.90 -3.78
CA THR A 25 -4.01 2.94 -5.04
C THR A 25 -5.46 3.35 -4.78
N ILE A 26 -6.08 2.71 -3.80
CA ILE A 26 -7.48 3.03 -3.50
C ILE A 26 -7.64 4.47 -3.01
N LEU A 27 -6.76 4.89 -2.11
CA LEU A 27 -6.83 6.25 -1.57
C LEU A 27 -6.58 7.31 -2.63
N VAL A 28 -5.61 7.05 -3.49
CA VAL A 28 -5.25 7.98 -4.54
C VAL A 28 -6.39 8.11 -5.53
N LEU A 29 -6.89 6.96 -5.96
CA LEU A 29 -8.00 6.90 -6.89
C LEU A 29 -9.21 7.55 -6.26
N ALA A 30 -9.45 7.26 -4.99
CA ALA A 30 -10.60 7.82 -4.30
C ALA A 30 -10.52 9.33 -4.27
N MET A 31 -9.35 9.81 -3.93
CA MET A 31 -9.09 11.24 -3.85
C MET A 31 -9.24 11.86 -5.22
N TRP A 32 -8.95 11.04 -6.21
CA TRP A 32 -9.04 11.46 -7.59
C TRP A 32 -10.52 11.47 -7.96
N LYS A 33 -11.25 10.53 -7.40
CA LYS A 33 -12.67 10.39 -7.65
C LYS A 33 -13.43 11.52 -6.98
N VAL A 34 -12.98 11.86 -5.78
CA VAL A 34 -13.65 12.93 -5.05
C VAL A 34 -13.18 14.27 -5.60
N GLY A 35 -12.28 14.23 -6.58
CA GLY A 35 -11.78 15.44 -7.24
C GLY A 35 -10.69 16.12 -6.44
N PHE A 36 -10.28 15.58 -5.30
CA PHE A 36 -9.28 16.24 -4.50
C PHE A 36 -8.10 16.71 -5.36
N PHE A 37 -7.69 15.86 -6.31
CA PHE A 37 -6.57 16.19 -7.17
C PHE A 37 -6.98 17.10 -8.33
N LYS A 38 -8.29 17.33 -8.37
CA LYS A 38 -8.86 18.22 -9.36
C LYS A 38 -9.42 19.46 -8.66
N ARG A 39 -9.22 20.62 -9.28
CA ARG A 39 -9.72 21.87 -8.69
C ARG A 39 -9.44 21.90 -7.20
N ASN A 40 -8.19 21.65 -6.81
CA ASN A 40 -7.83 21.66 -5.40
C ASN A 40 -8.03 23.04 -4.80
N ARG A 41 -7.66 24.08 -5.55
CA ARG A 41 -7.79 25.45 -5.09
C ARG A 41 -8.85 26.20 -5.90
N PRO A 42 -9.37 27.28 -5.36
CA PRO A 42 -10.41 28.09 -6.07
C PRO A 42 -9.83 28.79 -7.29
N GLY A 1 14.15 -22.94 16.51
CA GLY A 1 14.11 -21.73 17.40
C GLY A 1 15.48 -21.54 18.05
N ALA A 2 16.39 -22.46 17.79
CA ALA A 2 17.74 -22.37 18.36
C ALA A 2 18.47 -21.16 17.81
N LEU A 3 18.25 -20.83 16.54
CA LEU A 3 18.90 -19.68 15.92
C LEU A 3 17.86 -18.61 15.57
N GLU A 4 18.05 -17.40 16.10
CA GLU A 4 17.10 -16.32 15.83
C GLU A 4 17.59 -15.47 14.65
N GLU A 5 16.74 -15.33 13.63
CA GLU A 5 17.11 -14.57 12.43
C GLU A 5 16.70 -13.10 12.57
N ARG A 6 17.65 -12.21 12.26
CA ARG A 6 17.40 -10.78 12.33
C ARG A 6 16.34 -10.37 11.31
N ALA A 7 16.44 -10.95 10.12
CA ALA A 7 15.50 -10.64 9.04
C ALA A 7 14.14 -11.27 9.33
N ILE A 8 13.09 -10.66 8.78
CA ILE A 8 11.74 -11.17 8.96
C ILE A 8 11.33 -12.02 7.75
N PRO A 9 10.24 -12.74 7.83
CA PRO A 9 9.78 -13.59 6.67
C PRO A 9 9.53 -12.78 5.41
N ILE A 10 9.87 -13.38 4.27
CA ILE A 10 9.70 -12.75 2.97
C ILE A 10 8.23 -12.50 2.66
N TRP A 11 7.40 -13.51 2.94
CA TRP A 11 5.97 -13.44 2.68
C TRP A 11 5.31 -12.24 3.35
N TRP A 12 5.71 -11.96 4.59
CA TRP A 12 5.15 -10.83 5.32
C TRP A 12 5.61 -9.52 4.70
N VAL A 13 6.83 -9.51 4.18
CA VAL A 13 7.33 -8.31 3.53
C VAL A 13 6.55 -8.05 2.21
N LEU A 14 6.39 -9.12 1.43
CA LEU A 14 5.68 -9.06 0.14
C LEU A 14 4.19 -8.74 0.29
N VAL A 15 3.51 -9.40 1.22
CA VAL A 15 2.07 -9.15 1.37
C VAL A 15 1.82 -7.72 1.80
N GLY A 16 2.64 -7.24 2.72
CA GLY A 16 2.51 -5.89 3.23
C GLY A 16 2.66 -4.85 2.12
N VAL A 17 3.62 -5.11 1.22
CA VAL A 17 3.89 -4.21 0.11
C VAL A 17 2.72 -4.16 -0.85
N LEU A 18 2.21 -5.34 -1.20
CA LEU A 18 1.07 -5.39 -2.10
C LEU A 18 -0.10 -4.70 -1.44
N GLY A 19 -0.25 -4.94 -0.14
CA GLY A 19 -1.34 -4.34 0.61
C GLY A 19 -1.17 -2.83 0.66
N GLY A 20 0.05 -2.38 0.93
CA GLY A 20 0.31 -0.96 0.98
C GLY A 20 0.02 -0.36 -0.39
N LEU A 21 0.36 -1.09 -1.45
CA LEU A 21 0.12 -0.61 -2.80
C LEU A 21 -1.39 -0.51 -3.05
N LEU A 22 -2.13 -1.52 -2.63
CA LEU A 22 -3.57 -1.51 -2.83
C LEU A 22 -4.19 -0.34 -2.09
N LEU A 23 -3.77 -0.13 -0.86
CA LEU A 23 -4.31 0.97 -0.06
C LEU A 23 -3.98 2.32 -0.73
N LEU A 24 -2.74 2.45 -1.20
CA LEU A 24 -2.32 3.70 -1.84
C LEU A 24 -3.14 3.92 -3.11
N THR A 25 -3.38 2.84 -3.83
CA THR A 25 -4.13 2.92 -5.08
C THR A 25 -5.56 3.36 -4.80
N ILE A 26 -6.19 2.75 -3.81
CA ILE A 26 -7.57 3.07 -3.46
C ILE A 26 -7.70 4.51 -2.98
N LEU A 27 -6.81 4.93 -2.10
CA LEU A 27 -6.84 6.30 -1.57
C LEU A 27 -6.58 7.31 -2.68
N VAL A 28 -5.64 7.00 -3.58
CA VAL A 28 -5.32 7.90 -4.68
C VAL A 28 -6.48 7.98 -5.64
N LEU A 29 -6.98 6.82 -6.01
CA LEU A 29 -8.12 6.75 -6.92
C LEU A 29 -9.32 7.40 -6.27
N ALA A 30 -9.55 7.15 -4.98
CA ALA A 30 -10.70 7.74 -4.31
C ALA A 30 -10.56 9.25 -4.30
N MET A 31 -9.35 9.68 -4.03
CA MET A 31 -9.02 11.08 -3.98
C MET A 31 -9.22 11.69 -5.36
N TRP A 32 -9.00 10.85 -6.36
CA TRP A 32 -9.17 11.26 -7.75
C TRP A 32 -10.66 11.32 -8.05
N LYS A 33 -11.42 10.40 -7.45
CA LYS A 33 -12.86 10.34 -7.65
C LYS A 33 -13.53 11.53 -6.98
N VAL A 34 -13.01 11.88 -5.80
CA VAL A 34 -13.57 12.99 -5.05
C VAL A 34 -13.03 14.30 -5.58
N GLY A 35 -12.05 14.22 -6.49
CA GLY A 35 -11.47 15.42 -7.09
C GLY A 35 -10.38 16.02 -6.24
N PHE A 36 -10.02 15.43 -5.12
CA PHE A 36 -9.00 16.03 -4.28
C PHE A 36 -7.72 16.33 -5.06
N PHE A 37 -7.69 15.96 -6.34
CA PHE A 37 -6.53 16.20 -7.18
C PHE A 37 -6.84 17.23 -8.25
N LYS A 38 -8.06 17.76 -8.08
CA LYS A 38 -8.58 18.75 -9.03
C LYS A 38 -9.06 20.02 -8.32
N ARG A 39 -8.65 21.15 -8.88
CA ARG A 39 -9.04 22.45 -8.36
C ARG A 39 -10.55 22.68 -8.56
N ASN A 40 -11.06 22.20 -9.70
CA ASN A 40 -12.48 22.36 -10.02
C ASN A 40 -12.87 23.83 -9.99
N ARG A 41 -11.94 24.70 -10.40
CA ARG A 41 -12.21 26.13 -10.41
C ARG A 41 -13.56 26.41 -11.06
N PRO A 42 -14.13 27.56 -10.81
CA PRO A 42 -15.45 27.95 -11.37
C PRO A 42 -15.40 28.10 -12.89
#